data_4WLJ
#
_entry.id   4WLJ
#
_cell.length_a   102.740
_cell.length_b   107.650
_cell.length_c   81.750
_cell.angle_alpha   90.000
_cell.angle_beta   112.980
_cell.angle_gamma   90.000
#
_symmetry.space_group_name_H-M   'C 1 2 1'
#
loop_
_entity.id
_entity.type
_entity.pdbx_description
1 polymer 'Kynurenine--oxoglutarate transaminase 1'
2 non-polymer "4'-DEOXY-4'-ACETYLYAMINO-PYRIDOXAL-5'-PHOSPHATE"
3 water water
#
_entity_poly.entity_id   1
_entity_poly.type   'polypeptide(L)'
_entity_poly.pdbx_seq_one_letter_code
;MAKQLQARRLDGIDYNPWVEFVKLASEHDVVNLGQGFPDFPPPDFAVEAFQHAVSGDFMLNQYTKTFGYPPLTKILASFF
GELLGQEIDPLRNVLVTVGGYGALFTAFQALVDEGDEVIIIEPFFDCYEPMTMMAGGRPVFVSLKPGPIQNGELGSSSNW
QLDPMELAGKFTSRTKALVLNTPNNPLGKVFSREELELVASLCQQHDVVCITDEVYQWMVYDGHQHISIASLPGMWERTL
TIGSAGKTFSATGWKVGWVLGPDHIMKHLRTVHQNSVFHCPTQSQAAVAESFEREQLLFRQPSSYFVQFPQAMQRCRDHM
IRSLQSVGLKPIIPQGSYFLITDISDFKRKMPDLPGAVDEPYDRRFVKWMIKNKGLVAIPVSIFYSVPHQKHFDHYIRFC
FVKDEATLQAMDEKLRKWKVEL
;
_entity_poly.pdbx_strand_id   A,B
#
# COMPACT_ATOMS: atom_id res chain seq x y z
N GLN A 4 -21.01 -12.32 -12.71
CA GLN A 4 -20.39 -12.65 -11.45
C GLN A 4 -19.99 -11.40 -10.65
N LEU A 5 -19.69 -11.60 -9.37
CA LEU A 5 -19.48 -10.48 -8.44
C LEU A 5 -18.13 -9.80 -8.63
N GLN A 6 -17.07 -10.60 -8.74
CA GLN A 6 -15.74 -10.04 -8.74
C GLN A 6 -15.30 -9.65 -10.16
N ALA A 7 -14.32 -8.75 -10.23
CA ALA A 7 -13.83 -8.30 -11.51
C ALA A 7 -13.03 -9.39 -12.23
N ARG A 8 -13.11 -9.37 -13.56
CA ARG A 8 -12.39 -10.39 -14.35
C ARG A 8 -10.86 -10.27 -14.24
N ARG A 9 -10.35 -9.11 -13.82
CA ARG A 9 -8.89 -8.97 -13.71
C ARG A 9 -8.32 -9.92 -12.67
N LEU A 10 -9.17 -10.51 -11.82
CA LEU A 10 -8.70 -11.44 -10.80
C LEU A 10 -8.62 -12.86 -11.31
N ASP A 11 -9.10 -13.10 -12.52
CA ASP A 11 -9.09 -14.47 -13.06
C ASP A 11 -7.68 -15.10 -12.98
N GLY A 12 -7.62 -16.30 -12.42
CA GLY A 12 -6.39 -17.06 -12.40
C GLY A 12 -5.28 -16.57 -11.46
N ILE A 13 -5.52 -15.53 -10.66
CA ILE A 13 -4.44 -15.07 -9.78
C ILE A 13 -4.72 -15.14 -8.29
N ASP A 14 -5.75 -15.89 -7.90
CA ASP A 14 -5.99 -16.15 -6.48
C ASP A 14 -5.13 -17.30 -5.93
N TYR A 15 -4.70 -18.25 -6.76
CA TYR A 15 -3.92 -19.34 -6.21
C TYR A 15 -2.54 -18.87 -5.75
N ASN A 16 -2.24 -19.14 -4.49
CA ASN A 16 -0.93 -18.84 -3.92
C ASN A 16 -0.27 -20.14 -3.45
N PRO A 17 0.80 -20.59 -4.14
CA PRO A 17 1.38 -21.89 -3.81
C PRO A 17 2.24 -21.90 -2.54
N TRP A 18 2.57 -20.72 -2.01
CA TRP A 18 3.36 -20.63 -0.79
C TRP A 18 2.61 -21.22 0.40
N VAL A 19 1.30 -21.01 0.42
CA VAL A 19 0.50 -21.19 1.63
C VAL A 19 0.56 -22.60 2.18
N GLU A 20 0.51 -23.60 1.30
CA GLU A 20 0.48 -24.99 1.74
C GLU A 20 1.82 -25.42 2.35
N PHE A 21 2.89 -24.73 1.98
CA PHE A 21 4.21 -25.05 2.52
C PHE A 21 4.46 -24.40 3.88
N VAL A 22 4.06 -23.13 4.02
CA VAL A 22 4.18 -22.45 5.30
C VAL A 22 3.23 -23.10 6.30
N LYS A 23 2.08 -23.55 5.82
CA LYS A 23 1.12 -24.26 6.68
C LYS A 23 1.72 -25.58 7.15
N LEU A 24 2.33 -26.32 6.22
CA LEU A 24 2.98 -27.58 6.56
C LEU A 24 4.20 -27.34 7.44
N ALA A 25 4.81 -26.17 7.30
CA ALA A 25 6.03 -25.84 8.03
C ALA A 25 5.77 -25.65 9.52
N SER A 26 4.74 -24.87 9.84
CA SER A 26 4.45 -24.52 11.23
C SER A 26 4.04 -25.73 12.06
N GLU A 27 3.63 -26.81 11.39
CA GLU A 27 3.11 -27.98 12.07
C GLU A 27 4.20 -28.91 12.57
N HIS A 28 5.36 -28.88 11.90
CA HIS A 28 6.48 -29.75 12.26
C HIS A 28 7.59 -28.96 12.99
N ASP A 29 8.43 -29.68 13.71
CA ASP A 29 9.60 -29.08 14.36
C ASP A 29 10.70 -28.88 13.34
N VAL A 30 10.72 -27.70 12.72
CA VAL A 30 11.52 -27.47 11.53
C VAL A 30 12.51 -26.32 11.64
N VAL A 31 13.52 -26.40 10.78
CA VAL A 31 14.45 -25.30 10.53
C VAL A 31 13.96 -24.62 9.27
N ASN A 32 13.50 -23.37 9.42
CA ASN A 32 12.86 -22.70 8.31
C ASN A 32 13.85 -21.91 7.49
N LEU A 33 14.27 -22.53 6.40
CA LEU A 33 15.20 -21.94 5.44
C LEU A 33 14.43 -21.53 4.19
N GLY A 34 13.10 -21.43 4.31
CA GLY A 34 12.26 -20.99 3.21
C GLY A 34 11.96 -19.51 3.29
N GLN A 35 11.92 -18.98 4.50
CA GLN A 35 11.62 -17.58 4.76
C GLN A 35 12.63 -16.63 4.16
N GLY A 36 12.23 -15.79 3.21
CA GLY A 36 13.12 -14.75 2.68
C GLY A 36 13.25 -13.52 3.57
N PHE A 37 13.53 -13.76 4.85
CA PHE A 37 13.86 -12.68 5.77
C PHE A 37 14.81 -13.16 6.88
N PRO A 38 15.57 -12.22 7.46
CA PRO A 38 16.49 -12.58 8.54
C PRO A 38 15.79 -12.95 9.85
N ASP A 39 16.31 -13.94 10.58
CA ASP A 39 15.76 -14.30 11.88
C ASP A 39 16.68 -13.80 12.98
N PHE A 40 17.41 -12.76 12.64
CA PHE A 40 18.24 -12.03 13.61
C PHE A 40 17.87 -10.56 13.45
N PRO A 41 18.31 -9.70 14.39
CA PRO A 41 17.83 -8.31 14.35
C PRO A 41 18.43 -7.48 13.23
N PRO A 42 17.69 -6.44 12.77
CA PRO A 42 18.36 -5.44 11.93
C PRO A 42 19.52 -4.79 12.69
N PRO A 43 20.37 -4.07 11.96
CA PRO A 43 21.49 -3.43 12.66
C PRO A 43 20.97 -2.36 13.61
N ASP A 44 21.68 -2.17 14.70
CA ASP A 44 21.25 -1.21 15.72
C ASP A 44 20.90 0.15 15.15
N PHE A 45 21.68 0.67 14.20
CA PHE A 45 21.42 2.02 13.71
C PHE A 45 20.07 2.09 13.00
N ALA A 46 19.63 0.98 12.41
CA ALA A 46 18.34 1.00 11.72
C ALA A 46 17.20 0.94 12.76
N VAL A 47 17.29 0.03 13.70
CA VAL A 47 16.26 -0.06 14.74
C VAL A 47 16.17 1.26 15.52
N GLU A 48 17.32 1.85 15.83
CA GLU A 48 17.37 3.13 16.53
C GLU A 48 16.72 4.24 15.76
N ALA A 49 16.90 4.20 14.44
CA ALA A 49 16.32 5.22 13.59
C ALA A 49 14.79 5.16 13.69
N PHE A 50 14.21 3.98 13.75
CA PHE A 50 12.76 3.89 13.81
C PHE A 50 12.31 4.31 15.22
N GLN A 51 13.09 3.94 16.23
CA GLN A 51 12.78 4.41 17.59
C GLN A 51 12.77 5.93 17.65
N HIS A 52 13.77 6.55 17.01
CA HIS A 52 13.84 8.01 16.95
C HIS A 52 12.61 8.59 16.29
N ALA A 53 12.18 8.00 15.18
CA ALA A 53 11.05 8.55 14.45
C ALA A 53 9.71 8.51 15.21
N VAL A 54 9.52 7.48 16.03
CA VAL A 54 8.27 7.34 16.78
C VAL A 54 8.33 8.01 18.16
N SER A 55 9.48 8.57 18.53
CA SER A 55 9.57 9.28 19.79
C SER A 55 10.12 10.71 19.62
N GLY A 56 10.07 11.21 18.39
CA GLY A 56 10.57 12.53 18.06
C GLY A 56 9.47 13.57 17.93
N ASP A 57 9.61 14.42 16.93
CA ASP A 57 8.60 15.41 16.55
C ASP A 57 7.26 14.71 16.50
N PHE A 58 6.32 15.15 17.32
CA PHE A 58 5.03 14.48 17.36
C PHE A 58 4.24 14.58 16.06
N MET A 59 4.59 15.53 15.19
CA MET A 59 3.85 15.68 13.95
C MET A 59 4.23 14.59 12.94
N LEU A 60 5.31 13.87 13.21
CA LEU A 60 5.62 12.67 12.42
C LEU A 60 4.53 11.58 12.53
N ASN A 61 3.63 11.69 13.51
CA ASN A 61 2.47 10.81 13.57
C ASN A 61 1.38 11.18 12.55
N GLN A 62 1.50 12.33 11.89
CA GLN A 62 0.50 12.73 10.88
C GLN A 62 1.04 12.58 9.46
N TYR A 63 0.14 12.73 8.50
CA TYR A 63 0.49 12.56 7.08
C TYR A 63 1.75 13.32 6.67
N THR A 64 2.52 12.74 5.76
CA THR A 64 3.57 13.46 5.06
C THR A 64 3.13 13.66 3.59
N LYS A 65 4.06 14.03 2.73
CA LYS A 65 3.73 14.32 1.34
C LYS A 65 3.43 13.04 0.56
N THR A 66 2.47 13.14 -0.35
CA THR A 66 1.98 12.02 -1.13
C THR A 66 3.08 11.20 -1.83
N PHE A 67 4.06 11.85 -2.46
CA PHE A 67 5.01 11.09 -3.27
C PHE A 67 6.28 10.74 -2.51
N GLY A 68 6.31 11.07 -1.21
CA GLY A 68 7.42 10.66 -0.35
C GLY A 68 7.79 11.66 0.73
N TYR A 69 8.17 11.14 1.90
CA TYR A 69 8.71 11.95 2.98
C TYR A 69 9.91 12.73 2.46
N PRO A 70 9.93 14.07 2.55
CA PRO A 70 10.99 14.75 1.79
C PRO A 70 12.44 14.44 2.20
N PRO A 71 12.74 14.28 3.51
CA PRO A 71 14.13 13.88 3.81
C PRO A 71 14.50 12.53 3.20
N LEU A 72 13.53 11.64 2.99
CA LEU A 72 13.82 10.36 2.34
C LEU A 72 13.99 10.53 0.82
N THR A 73 13.11 11.27 0.15
CA THR A 73 13.28 11.39 -1.30
C THR A 73 14.57 12.15 -1.61
N LYS A 74 14.94 13.09 -0.74
CA LYS A 74 16.21 13.82 -0.84
C LYS A 74 17.42 12.91 -0.85
N ILE A 75 17.52 12.02 0.15
CA ILE A 75 18.68 11.13 0.23
C ILE A 75 18.63 10.03 -0.84
N LEU A 76 17.46 9.54 -1.19
CA LEU A 76 17.40 8.56 -2.27
C LEU A 76 17.96 9.19 -3.55
N ALA A 77 17.52 10.42 -3.83
CA ALA A 77 17.89 11.06 -5.08
C ALA A 77 19.39 11.37 -5.09
N SER A 78 19.93 11.84 -3.97
CA SER A 78 21.36 12.11 -3.85
C SER A 78 22.19 10.84 -4.00
N PHE A 79 21.90 9.89 -3.11
CA PHE A 79 22.71 8.67 -2.98
C PHE A 79 22.64 7.79 -4.24
N PHE A 80 21.43 7.56 -4.74
CA PHE A 80 21.31 6.73 -5.91
C PHE A 80 21.62 7.49 -7.19
N GLY A 81 21.47 8.80 -7.20
CA GLY A 81 21.89 9.54 -8.38
C GLY A 81 23.38 9.38 -8.61
N GLU A 82 24.15 9.39 -7.53
CA GLU A 82 25.58 9.16 -7.65
C GLU A 82 25.88 7.77 -8.19
N LEU A 83 25.24 6.73 -7.63
CA LEU A 83 25.51 5.36 -8.11
C LEU A 83 25.17 5.17 -9.57
N LEU A 84 24.11 5.83 -10.02
CA LEU A 84 23.59 5.65 -11.37
C LEU A 84 24.25 6.59 -12.38
N GLY A 85 24.99 7.57 -11.89
CA GLY A 85 25.57 8.60 -12.75
C GLY A 85 24.48 9.47 -13.35
N GLN A 86 23.48 9.80 -12.55
CA GLN A 86 22.31 10.49 -13.05
C GLN A 86 21.90 11.57 -12.09
N GLU A 87 21.53 12.73 -12.63
CA GLU A 87 20.91 13.78 -11.84
C GLU A 87 19.45 13.36 -11.56
N ILE A 88 19.12 13.14 -10.30
CA ILE A 88 17.77 12.70 -9.89
C ILE A 88 17.09 13.79 -9.07
N ASP A 89 15.96 14.27 -9.58
CA ASP A 89 15.15 15.23 -8.83
C ASP A 89 14.17 14.48 -7.94
N PRO A 90 14.15 14.79 -6.63
CA PRO A 90 13.28 14.07 -5.70
C PRO A 90 11.80 14.16 -6.03
N LEU A 91 11.33 15.28 -6.59
CA LEU A 91 9.90 15.46 -6.82
C LEU A 91 9.35 14.80 -8.10
N ARG A 92 10.21 14.69 -9.12
CA ARG A 92 9.79 14.16 -10.40
C ARG A 92 10.32 12.78 -10.68
N ASN A 93 11.38 12.37 -9.98
CA ASN A 93 12.07 11.13 -10.36
C ASN A 93 12.11 10.06 -9.27
N VAL A 94 11.49 10.34 -8.12
CA VAL A 94 11.46 9.43 -6.98
C VAL A 94 10.02 9.27 -6.51
N LEU A 95 9.62 8.04 -6.25
CA LEU A 95 8.33 7.75 -5.60
C LEU A 95 8.56 6.73 -4.47
N VAL A 96 8.12 7.02 -3.25
CA VAL A 96 8.17 6.07 -2.15
C VAL A 96 6.90 5.22 -2.19
N THR A 97 7.08 3.91 -1.97
CA THR A 97 6.07 2.90 -2.17
C THR A 97 6.00 1.97 -0.98
N VAL A 98 4.96 1.16 -0.93
CA VAL A 98 4.79 0.11 0.07
C VAL A 98 5.61 -1.13 -0.34
N GLY A 99 6.90 -1.03 -0.05
CA GLY A 99 7.85 -2.05 -0.36
C GLY A 99 8.19 -2.11 -1.84
N GLY A 100 9.15 -2.96 -2.13
CA GLY A 100 9.38 -3.37 -3.51
C GLY A 100 8.12 -3.91 -4.19
N TYR A 101 7.31 -4.68 -3.46
CA TYR A 101 6.09 -5.23 -4.01
CA TYR A 101 6.05 -5.22 -3.99
C TYR A 101 5.20 -4.09 -4.54
N GLY A 102 4.94 -3.10 -3.67
CA GLY A 102 4.11 -1.98 -4.05
C GLY A 102 4.65 -1.19 -5.23
N ALA A 103 5.97 -1.06 -5.29
CA ALA A 103 6.63 -0.44 -6.40
C ALA A 103 6.37 -1.18 -7.71
N LEU A 104 6.55 -2.49 -7.68
CA LEU A 104 6.29 -3.31 -8.86
C LEU A 104 4.83 -3.13 -9.30
N PHE A 105 3.93 -3.18 -8.34
CA PHE A 105 2.50 -3.10 -8.62
C PHE A 105 2.18 -1.76 -9.29
N THR A 106 2.77 -0.72 -8.75
CA THR A 106 2.54 0.64 -9.26
C THR A 106 3.03 0.72 -10.72
N ALA A 107 4.20 0.16 -10.99
CA ALA A 107 4.74 0.16 -12.36
C ALA A 107 3.86 -0.62 -13.34
N PHE A 108 3.48 -1.84 -12.97
CA PHE A 108 2.57 -2.59 -13.86
C PHE A 108 1.23 -1.88 -14.10
N GLN A 109 0.64 -1.30 -13.07
CA GLN A 109 -0.68 -0.71 -13.23
C GLN A 109 -0.59 0.58 -14.04
N ALA A 110 0.59 1.21 -14.03
CA ALA A 110 0.79 2.45 -14.81
C ALA A 110 0.99 2.19 -16.28
N LEU A 111 1.65 1.09 -16.61
CA LEU A 111 2.22 0.91 -17.95
C LEU A 111 1.60 -0.21 -18.75
N VAL A 112 1.21 -1.27 -18.07
CA VAL A 112 0.77 -2.48 -18.77
C VAL A 112 -0.72 -2.40 -19.05
N ASP A 113 -1.09 -2.59 -20.32
CA ASP A 113 -2.50 -2.47 -20.74
C ASP A 113 -2.95 -3.75 -21.42
N GLU A 114 -4.26 -3.84 -21.69
CA GLU A 114 -4.82 -4.97 -22.38
C GLU A 114 -4.07 -5.24 -23.66
N GLY A 115 -3.54 -6.45 -23.77
CA GLY A 115 -2.85 -6.88 -24.98
C GLY A 115 -1.35 -6.63 -25.06
N ASP A 116 -0.82 -5.79 -24.19
CA ASP A 116 0.62 -5.59 -24.14
C ASP A 116 1.29 -6.87 -23.75
N GLU A 117 2.51 -7.03 -24.22
CA GLU A 117 3.34 -8.13 -23.80
C GLU A 117 4.39 -7.63 -22.81
N VAL A 118 4.72 -8.49 -21.85
CA VAL A 118 5.76 -8.22 -20.90
C VAL A 118 6.74 -9.40 -20.85
N ILE A 119 8.01 -9.14 -21.11
CA ILE A 119 9.01 -10.19 -21.09
C ILE A 119 9.47 -10.42 -19.67
N ILE A 120 9.42 -11.68 -19.29
CA ILE A 120 9.79 -12.12 -17.95
C ILE A 120 10.90 -13.16 -18.10
N ILE A 121 11.93 -13.05 -17.26
CA ILE A 121 13.10 -13.95 -17.30
C ILE A 121 12.96 -15.01 -16.24
N GLU A 122 12.96 -16.29 -16.64
CA GLU A 122 12.84 -17.38 -15.69
C GLU A 122 14.22 -17.82 -15.19
N PRO A 123 14.34 -18.13 -13.91
CA PRO A 123 13.32 -18.14 -12.85
C PRO A 123 12.98 -16.73 -12.39
N PHE A 124 11.69 -16.44 -12.19
CA PHE A 124 11.25 -15.09 -11.84
C PHE A 124 10.58 -15.06 -10.50
N PHE A 125 10.84 -13.97 -9.77
CA PHE A 125 10.09 -13.65 -8.57
C PHE A 125 8.63 -13.73 -8.93
N ASP A 126 7.82 -14.46 -8.17
CA ASP A 126 6.61 -15.02 -8.74
C ASP A 126 5.50 -14.02 -9.03
N CYS A 127 5.51 -12.85 -8.39
CA CYS A 127 4.45 -11.87 -8.65
C CYS A 127 4.50 -11.23 -10.02
N TYR A 128 5.60 -11.35 -10.77
CA TYR A 128 5.69 -10.61 -12.05
C TYR A 128 4.58 -11.10 -12.99
N GLU A 129 4.33 -12.40 -12.99
CA GLU A 129 3.33 -12.97 -13.85
C GLU A 129 1.89 -12.53 -13.48
N PRO A 130 1.43 -12.77 -12.23
CA PRO A 130 0.04 -12.38 -11.93
C PRO A 130 -0.16 -10.87 -11.99
N MET A 131 0.87 -10.07 -11.69
CA MET A 131 0.72 -8.61 -11.80
C MET A 131 0.56 -8.20 -13.25
N THR A 132 1.33 -8.82 -14.14
CA THR A 132 1.16 -8.58 -15.57
C THR A 132 -0.28 -8.95 -15.98
N MET A 133 -0.70 -10.14 -15.56
CA MET A 133 -2.02 -10.63 -15.94
C MET A 133 -3.16 -9.69 -15.45
N MET A 134 -3.07 -9.22 -14.20
CA MET A 134 -4.12 -8.35 -13.66
C MET A 134 -4.22 -7.04 -14.43
N ALA A 135 -3.12 -6.58 -15.01
CA ALA A 135 -3.13 -5.35 -15.78
C ALA A 135 -3.48 -5.58 -17.26
N GLY A 136 -3.88 -6.81 -17.57
CA GLY A 136 -4.32 -7.18 -18.90
C GLY A 136 -3.21 -7.55 -19.87
N GLY A 137 -1.98 -7.60 -19.36
CA GLY A 137 -0.85 -7.93 -20.20
C GLY A 137 -0.72 -9.41 -20.43
N ARG A 138 0.14 -9.75 -21.38
CA ARG A 138 0.43 -11.12 -21.76
C ARG A 138 1.87 -11.43 -21.45
N PRO A 139 2.14 -12.23 -20.41
CA PRO A 139 3.52 -12.59 -20.12
C PRO A 139 4.17 -13.39 -21.25
N VAL A 140 5.41 -13.02 -21.54
CA VAL A 140 6.24 -13.72 -22.51
C VAL A 140 7.50 -14.15 -21.79
N PHE A 141 7.84 -15.44 -21.83
CA PHE A 141 8.89 -15.99 -20.99
C PHE A 141 10.15 -16.34 -21.76
N VAL A 142 11.29 -15.96 -21.20
CA VAL A 142 12.59 -16.43 -21.68
C VAL A 142 13.30 -17.11 -20.53
N SER A 143 13.83 -18.31 -20.76
CA SER A 143 14.44 -19.09 -19.68
C SER A 143 15.97 -18.97 -19.69
N LEU A 144 16.58 -18.58 -18.57
CA LEU A 144 18.03 -18.76 -18.41
C LEU A 144 18.36 -20.26 -18.53
N LYS A 145 19.50 -20.58 -19.17
CA LYS A 145 19.89 -21.95 -19.45
C LYS A 145 20.99 -22.35 -18.45
N PRO A 146 20.70 -23.33 -17.59
CA PRO A 146 21.66 -23.81 -16.59
C PRO A 146 22.99 -24.24 -17.21
N GLY A 147 24.09 -23.87 -16.56
CA GLY A 147 25.41 -24.31 -17.02
C GLY A 147 25.64 -25.75 -16.61
N LEU A 154 31.24 -27.40 -8.28
CA LEU A 154 29.87 -26.90 -8.21
C LEU A 154 29.57 -25.85 -9.29
N GLY A 155 28.35 -25.85 -9.77
CA GLY A 155 27.88 -24.82 -10.67
C GLY A 155 27.80 -23.44 -10.00
N SER A 156 27.65 -22.43 -10.83
CA SER A 156 27.57 -21.06 -10.40
C SER A 156 26.37 -20.41 -11.07
N SER A 157 25.65 -19.56 -10.36
CA SER A 157 24.54 -18.83 -10.98
C SER A 157 24.97 -18.04 -12.19
N SER A 158 26.23 -17.64 -12.20
CA SER A 158 26.80 -16.88 -13.29
C SER A 158 26.74 -17.64 -14.62
N ASN A 159 26.74 -18.98 -14.55
CA ASN A 159 26.74 -19.83 -15.76
C ASN A 159 25.35 -20.07 -16.36
N TRP A 160 24.31 -19.52 -15.73
CA TRP A 160 22.95 -19.66 -16.24
C TRP A 160 22.82 -18.57 -17.30
N GLN A 161 22.75 -18.97 -18.56
CA GLN A 161 22.93 -18.02 -19.65
C GLN A 161 21.62 -17.45 -20.16
N LEU A 162 21.67 -16.16 -20.51
CA LEU A 162 20.62 -15.47 -21.25
C LEU A 162 20.97 -15.50 -22.75
N ASP A 163 20.37 -16.42 -23.49
CA ASP A 163 20.74 -16.59 -24.90
C ASP A 163 20.36 -15.37 -25.74
N PRO A 164 21.32 -14.75 -26.45
CA PRO A 164 21.00 -13.53 -27.18
C PRO A 164 19.93 -13.74 -28.25
N MET A 165 20.00 -14.85 -28.97
CA MET A 165 19.04 -15.10 -30.04
C MET A 165 17.66 -15.33 -29.46
N GLU A 166 17.61 -16.11 -28.38
CA GLU A 166 16.34 -16.45 -27.76
C GLU A 166 15.64 -15.21 -27.23
N LEU A 167 16.41 -14.37 -26.56
CA LEU A 167 15.88 -13.15 -26.00
C LEU A 167 15.38 -12.22 -27.10
N ALA A 168 16.22 -11.98 -28.10
CA ALA A 168 15.85 -11.08 -29.19
C ALA A 168 14.54 -11.54 -29.84
N GLY A 169 14.34 -12.85 -29.94
CA GLY A 169 13.14 -13.37 -30.58
C GLY A 169 11.86 -13.18 -29.80
N LYS A 170 11.98 -12.83 -28.53
CA LYS A 170 10.80 -12.61 -27.68
C LYS A 170 10.18 -11.22 -27.89
N PHE A 171 10.95 -10.27 -28.40
CA PHE A 171 10.48 -8.90 -28.58
C PHE A 171 9.58 -8.82 -29.81
N THR A 172 8.48 -8.09 -29.66
CA THR A 172 7.54 -7.85 -30.76
C THR A 172 7.03 -6.42 -30.67
N SER A 173 6.17 -6.00 -31.59
CA SER A 173 5.60 -4.67 -31.54
C SER A 173 4.73 -4.45 -30.32
N ARG A 174 4.29 -5.55 -29.71
CA ARG A 174 3.41 -5.46 -28.55
C ARG A 174 4.19 -5.46 -27.23
N THR A 175 5.50 -5.67 -27.28
CA THR A 175 6.29 -5.60 -26.03
C THR A 175 6.27 -4.21 -25.39
N LYS A 176 5.68 -4.13 -24.19
CA LYS A 176 5.59 -2.87 -23.45
C LYS A 176 6.80 -2.75 -22.52
N ALA A 177 7.10 -3.85 -21.84
CA ALA A 177 8.18 -3.86 -20.86
C ALA A 177 8.86 -5.22 -20.77
N LEU A 178 10.05 -5.16 -20.18
CA LEU A 178 10.83 -6.33 -19.80
C LEU A 178 11.13 -6.15 -18.33
N VAL A 179 10.96 -7.22 -17.54
CA VAL A 179 11.25 -7.16 -16.10
C VAL A 179 12.61 -7.82 -15.84
N LEU A 180 13.53 -7.03 -15.31
CA LEU A 180 14.88 -7.46 -15.00
C LEU A 180 15.07 -7.49 -13.50
N ASN A 181 15.44 -8.65 -12.95
CA ASN A 181 15.64 -8.74 -11.51
C ASN A 181 17.10 -9.12 -11.29
N THR A 182 17.91 -8.19 -10.79
CA THR A 182 19.29 -8.54 -10.44
C THR A 182 19.72 -7.78 -9.18
N PRO A 183 20.37 -8.47 -8.24
CA PRO A 183 20.55 -9.92 -8.21
C PRO A 183 19.22 -10.68 -8.17
N ASN A 184 19.20 -11.83 -8.79
CA ASN A 184 17.97 -12.59 -9.02
C ASN A 184 17.56 -13.42 -7.81
N ASN A 185 16.28 -13.32 -7.45
CA ASN A 185 15.56 -14.32 -6.64
C ASN A 185 14.81 -15.19 -7.64
N PRO A 186 14.97 -16.52 -7.59
CA PRO A 186 15.61 -17.41 -6.59
C PRO A 186 17.04 -17.83 -6.84
N LEU A 187 17.59 -17.51 -8.00
CA LEU A 187 18.82 -18.11 -8.43
C LEU A 187 20.11 -17.49 -7.86
N GLY A 188 20.11 -16.19 -7.59
CA GLY A 188 21.28 -15.56 -7.03
C GLY A 188 22.24 -15.08 -8.09
N LYS A 189 21.77 -15.07 -9.33
CA LYS A 189 22.57 -14.53 -10.44
C LYS A 189 22.69 -13.04 -10.33
N VAL A 190 23.91 -12.56 -10.54
CA VAL A 190 24.22 -11.15 -10.65
C VAL A 190 24.56 -10.89 -12.12
N PHE A 191 23.73 -10.09 -12.78
CA PHE A 191 23.88 -9.87 -14.21
C PHE A 191 25.14 -9.07 -14.50
N SER A 192 25.88 -9.56 -15.49
CA SER A 192 27.11 -8.92 -15.93
C SER A 192 26.86 -7.73 -16.81
N ARG A 193 27.89 -6.91 -16.99
CA ARG A 193 27.78 -5.77 -17.90
C ARG A 193 27.38 -6.23 -19.29
N GLU A 194 28.00 -7.31 -19.79
CA GLU A 194 27.67 -7.78 -21.11
C GLU A 194 26.17 -8.18 -21.19
N GLU A 195 25.66 -8.89 -20.17
CA GLU A 195 24.25 -9.28 -20.14
C GLU A 195 23.33 -8.06 -20.09
N LEU A 196 23.70 -7.06 -19.33
CA LEU A 196 22.90 -5.85 -19.28
C LEU A 196 22.96 -5.06 -20.58
N GLU A 197 24.10 -5.11 -21.28
CA GLU A 197 24.20 -4.40 -22.55
C GLU A 197 23.30 -5.05 -23.63
N LEU A 198 23.15 -6.37 -23.53
CA LEU A 198 22.23 -7.12 -24.39
C LEU A 198 20.80 -6.69 -24.14
N VAL A 199 20.38 -6.73 -22.88
CA VAL A 199 19.03 -6.28 -22.53
C VAL A 199 18.85 -4.81 -22.97
N ALA A 200 19.83 -3.95 -22.73
CA ALA A 200 19.69 -2.54 -23.09
C ALA A 200 19.58 -2.35 -24.58
N SER A 201 20.36 -3.10 -25.33
CA SER A 201 20.34 -2.96 -26.77
C SER A 201 18.95 -3.28 -27.33
N LEU A 202 18.30 -4.31 -26.81
CA LEU A 202 17.02 -4.74 -27.35
C LEU A 202 15.92 -3.78 -26.88
N CYS A 203 16.05 -3.27 -25.67
CA CYS A 203 15.04 -2.32 -25.17
C CYS A 203 15.07 -1.01 -25.95
N GLN A 204 16.27 -0.54 -26.29
CA GLN A 204 16.38 0.68 -27.08
C GLN A 204 15.87 0.46 -28.52
N GLN A 205 16.17 -0.71 -29.08
CA GLN A 205 15.79 -1.03 -30.45
C GLN A 205 14.28 -1.10 -30.63
N HIS A 206 13.60 -1.75 -29.68
CA HIS A 206 12.16 -1.98 -29.76
C HIS A 206 11.30 -0.98 -28.98
N ASP A 207 11.95 -0.03 -28.32
CA ASP A 207 11.27 0.97 -27.48
C ASP A 207 10.45 0.30 -26.38
N VAL A 208 11.18 -0.31 -25.47
CA VAL A 208 10.60 -1.11 -24.41
C VAL A 208 11.11 -0.50 -23.11
N VAL A 209 10.24 -0.43 -22.10
CA VAL A 209 10.64 0.02 -20.77
C VAL A 209 11.26 -1.15 -20.02
N CYS A 210 12.40 -0.92 -19.38
CA CYS A 210 12.99 -1.93 -18.50
C CYS A 210 12.57 -1.67 -17.05
N ILE A 211 11.77 -2.57 -16.49
CA ILE A 211 11.40 -2.47 -15.08
C ILE A 211 12.46 -3.25 -14.33
N THR A 212 13.29 -2.60 -13.52
CA THR A 212 14.45 -3.29 -12.98
C THR A 212 14.37 -3.35 -11.46
N ASP A 213 14.15 -4.59 -11.01
CA ASP A 213 13.99 -4.94 -9.61
C ASP A 213 15.35 -5.21 -8.98
N GLU A 214 15.87 -4.22 -8.26
CA GLU A 214 17.22 -4.28 -7.69
C GLU A 214 17.19 -4.38 -6.16
N VAL A 215 16.18 -5.02 -5.61
CA VAL A 215 16.04 -4.99 -4.16
C VAL A 215 17.24 -5.62 -3.44
N TYR A 216 17.95 -6.57 -4.06
CA TYR A 216 19.12 -7.24 -3.44
C TYR A 216 20.46 -6.61 -3.83
N GLN A 217 20.42 -5.36 -4.29
CA GLN A 217 21.58 -4.60 -4.71
C GLN A 217 22.84 -4.78 -3.84
N TRP A 218 22.67 -4.76 -2.52
CA TRP A 218 23.80 -4.75 -1.59
C TRP A 218 24.32 -6.14 -1.29
N MET A 219 23.52 -7.16 -1.62
CA MET A 219 23.87 -8.56 -1.34
C MET A 219 24.58 -9.19 -2.52
N VAL A 220 25.87 -8.85 -2.65
CA VAL A 220 26.72 -9.37 -3.74
C VAL A 220 27.97 -9.97 -3.09
N TYR A 221 28.43 -11.09 -3.64
CA TYR A 221 29.55 -11.89 -3.09
C TYR A 221 30.70 -12.12 -4.07
N ASP A 222 31.82 -12.64 -3.55
CA ASP A 222 32.91 -13.14 -4.39
C ASP A 222 33.51 -12.11 -5.34
N GLY A 223 33.48 -10.85 -4.94
CA GLY A 223 34.01 -9.75 -5.74
C GLY A 223 33.11 -9.29 -6.88
N HIS A 224 31.92 -9.85 -7.00
CA HIS A 224 30.99 -9.44 -8.05
C HIS A 224 30.35 -8.11 -7.71
N GLN A 225 30.17 -7.29 -8.74
CA GLN A 225 29.65 -5.96 -8.60
C GLN A 225 28.23 -5.86 -9.13
N HIS A 226 27.39 -5.16 -8.37
CA HIS A 226 26.05 -4.81 -8.83
C HIS A 226 26.17 -3.73 -9.87
N ILE A 227 25.65 -3.99 -11.05
CA ILE A 227 25.48 -2.97 -12.10
C ILE A 227 23.99 -2.70 -12.33
N SER A 228 23.63 -1.41 -12.30
CA SER A 228 22.29 -0.91 -12.59
C SER A 228 22.13 -0.58 -14.06
N ILE A 229 21.16 -1.20 -14.71
CA ILE A 229 21.02 -1.03 -16.15
C ILE A 229 20.68 0.43 -16.50
N ALA A 230 20.04 1.17 -15.58
CA ALA A 230 19.64 2.55 -15.84
C ALA A 230 20.87 3.43 -16.00
N SER A 231 22.04 2.91 -15.62
CA SER A 231 23.29 3.67 -15.74
C SER A 231 23.93 3.54 -17.14
N LEU A 232 23.45 2.62 -17.94
CA LEU A 232 24.00 2.42 -19.28
C LEU A 232 23.54 3.54 -20.20
N PRO A 233 24.33 3.83 -21.26
CA PRO A 233 23.94 4.92 -22.19
C PRO A 233 22.52 4.74 -22.73
N GLY A 234 21.74 5.80 -22.66
CA GLY A 234 20.39 5.78 -23.21
C GLY A 234 19.33 5.14 -22.35
N MET A 235 19.71 4.48 -21.24
CA MET A 235 18.71 3.70 -20.50
C MET A 235 17.95 4.46 -19.41
N TRP A 236 18.48 5.54 -18.85
CA TRP A 236 17.76 6.29 -17.81
C TRP A 236 16.34 6.66 -18.32
N GLU A 237 16.23 7.06 -19.58
CA GLU A 237 14.94 7.46 -20.12
C GLU A 237 13.96 6.34 -20.43
N ARG A 238 14.37 5.07 -20.25
CA ARG A 238 13.40 3.99 -20.45
C ARG A 238 13.51 2.95 -19.35
N THR A 239 14.03 3.34 -18.18
CA THR A 239 14.16 2.41 -17.07
C THR A 239 13.47 2.91 -15.80
N LEU A 240 12.86 1.97 -15.08
CA LEU A 240 12.36 2.18 -13.70
C LEU A 240 13.18 1.28 -12.80
N THR A 241 13.74 1.85 -11.73
CA THR A 241 14.64 1.13 -10.85
C THR A 241 13.98 1.05 -9.50
N ILE A 242 13.85 -0.16 -9.00
CA ILE A 242 13.13 -0.44 -7.75
C ILE A 242 14.04 -0.94 -6.64
N GLY A 243 13.83 -0.42 -5.45
CA GLY A 243 14.59 -0.85 -4.29
C GLY A 243 13.67 -1.08 -3.10
N SER A 244 14.21 -1.72 -2.06
CA SER A 244 13.44 -2.10 -0.87
C SER A 244 14.24 -1.80 0.36
N ALA A 245 13.71 -0.99 1.27
CA ALA A 245 14.41 -0.77 2.51
C ALA A 245 14.54 -2.05 3.30
N GLY A 246 13.54 -2.91 3.24
CA GLY A 246 13.59 -4.14 4.01
C GLY A 246 14.73 -5.08 3.66
N LYS A 247 15.12 -5.16 2.37
CA LYS A 247 16.24 -5.99 1.97
C LYS A 247 17.56 -5.26 2.19
N THR A 248 17.49 -3.94 2.21
CA THR A 248 18.65 -3.09 2.43
C THR A 248 19.14 -3.03 3.88
N PHE A 249 18.21 -2.91 4.82
CA PHE A 249 18.55 -2.83 6.25
C PHE A 249 18.06 -4.01 7.09
N SER A 250 17.78 -5.14 6.44
CA SER A 250 17.37 -6.36 7.09
C SER A 250 16.21 -6.16 8.04
N ALA A 251 15.19 -5.48 7.52
CA ALA A 251 14.01 -5.05 8.27
C ALA A 251 12.78 -5.20 7.37
N THR A 252 12.44 -6.45 7.05
CA THR A 252 11.46 -6.70 5.96
C THR A 252 10.04 -6.27 6.32
N GLY A 253 9.77 -6.18 7.62
CA GLY A 253 8.48 -5.76 8.12
C GLY A 253 8.28 -4.25 8.05
N TRP A 254 9.30 -3.49 7.65
CA TRP A 254 9.09 -2.04 7.46
C TRP A 254 8.29 -1.76 6.19
N LYS A 255 8.41 -2.63 5.21
CA LYS A 255 7.68 -2.48 3.94
C LYS A 255 7.73 -1.04 3.38
N VAL A 256 8.95 -0.56 3.14
CA VAL A 256 9.20 0.73 2.46
C VAL A 256 10.05 0.42 1.23
N GLY A 257 9.61 0.90 0.08
CA GLY A 257 10.38 0.77 -1.13
C GLY A 257 10.31 2.04 -1.93
N TRP A 258 10.92 2.02 -3.10
CA TRP A 258 10.92 3.19 -3.96
C TRP A 258 11.08 2.80 -5.41
N VAL A 259 10.63 3.69 -6.30
CA VAL A 259 10.97 3.62 -7.73
C VAL A 259 11.72 4.89 -8.11
N LEU A 260 12.75 4.74 -8.95
CA LEU A 260 13.51 5.83 -9.52
C LEU A 260 13.36 5.81 -11.02
N GLY A 261 13.15 6.97 -11.63
CA GLY A 261 13.03 6.99 -13.07
C GLY A 261 12.76 8.37 -13.63
N PRO A 262 12.68 8.44 -14.96
CA PRO A 262 12.44 9.73 -15.64
C PRO A 262 11.01 10.17 -15.51
N ASP A 263 10.81 11.49 -15.44
CA ASP A 263 9.48 12.06 -15.25
C ASP A 263 8.42 11.56 -16.21
N HIS A 264 8.77 11.42 -17.50
CA HIS A 264 7.76 11.06 -18.50
C HIS A 264 7.15 9.67 -18.25
N ILE A 265 7.87 8.80 -17.53
CA ILE A 265 7.30 7.53 -17.07
C ILE A 265 6.75 7.68 -15.66
N MET A 266 7.53 8.28 -14.79
CA MET A 266 7.17 8.39 -13.37
C MET A 266 5.86 9.12 -13.13
N LYS A 267 5.51 10.06 -13.99
CA LYS A 267 4.22 10.74 -13.79
C LYS A 267 3.04 9.79 -13.77
N HIS A 268 3.14 8.69 -14.53
CA HIS A 268 2.05 7.73 -14.56
C HIS A 268 2.02 6.84 -13.32
N LEU A 269 3.19 6.50 -12.77
CA LEU A 269 3.22 5.82 -11.48
C LEU A 269 2.64 6.73 -10.40
N ARG A 270 2.91 8.04 -10.49
CA ARG A 270 2.34 8.99 -9.52
C ARG A 270 0.82 8.94 -9.64
N THR A 271 0.27 8.89 -10.85
CA THR A 271 -1.17 8.79 -11.01
C THR A 271 -1.73 7.54 -10.34
N VAL A 272 -1.07 6.40 -10.53
CA VAL A 272 -1.53 5.19 -9.85
C VAL A 272 -1.45 5.37 -8.32
N HIS A 273 -0.35 5.91 -7.87
CA HIS A 273 -0.11 6.08 -6.43
C HIS A 273 -1.20 6.95 -5.79
N GLN A 274 -1.55 8.05 -6.44
CA GLN A 274 -2.50 8.99 -5.79
C GLN A 274 -3.93 8.42 -5.83
N ASN A 275 -4.18 7.44 -6.69
CA ASN A 275 -5.46 6.75 -6.75
C ASN A 275 -5.49 5.36 -6.11
N SER A 276 -4.49 5.04 -5.27
CA SER A 276 -4.46 3.75 -4.55
C SER A 276 -4.08 3.86 -3.10
N VAL A 277 -2.93 4.45 -2.78
CA VAL A 277 -2.59 4.57 -1.36
C VAL A 277 -2.48 6.02 -0.90
N PHE A 278 -2.18 6.92 -1.83
CA PHE A 278 -2.07 8.36 -1.62
C PHE A 278 -0.89 8.75 -0.72
N HIS A 279 -0.80 8.19 0.49
CA HIS A 279 0.38 8.42 1.34
C HIS A 279 1.03 7.13 1.75
N CYS A 280 2.35 7.15 1.90
CA CYS A 280 3.03 6.09 2.63
C CYS A 280 3.18 6.53 4.09
N PRO A 281 3.35 5.57 5.00
CA PRO A 281 3.48 5.91 6.42
C PRO A 281 4.67 6.83 6.66
N THR A 282 4.51 7.78 7.57
CA THR A 282 5.52 8.80 7.77
C THR A 282 6.78 8.30 8.51
N GLN A 283 6.60 7.60 9.61
CA GLN A 283 7.72 7.37 10.51
C GLN A 283 8.70 6.30 10.01
N SER A 284 8.21 5.27 9.33
CA SER A 284 9.14 4.33 8.74
C SER A 284 9.98 5.03 7.69
N GLN A 285 9.41 6.02 6.99
CA GLN A 285 10.17 6.70 5.94
C GLN A 285 11.30 7.49 6.58
N ALA A 286 11.02 8.11 7.72
CA ALA A 286 12.03 8.84 8.45
C ALA A 286 13.14 7.90 8.89
N ALA A 287 12.78 6.68 9.31
CA ALA A 287 13.76 5.69 9.75
C ALA A 287 14.66 5.31 8.59
N VAL A 288 14.07 5.09 7.43
CA VAL A 288 14.84 4.68 6.28
C VAL A 288 15.77 5.83 5.88
N ALA A 289 15.28 7.06 5.90
CA ALA A 289 16.14 8.17 5.55
C ALA A 289 17.34 8.30 6.47
N GLU A 290 17.11 8.18 7.77
CA GLU A 290 18.20 8.25 8.76
C GLU A 290 19.17 7.07 8.56
N SER A 291 18.65 5.89 8.23
CA SER A 291 19.51 4.73 7.99
C SER A 291 20.41 4.93 6.76
N PHE A 292 19.85 5.50 5.69
CA PHE A 292 20.67 5.80 4.51
C PHE A 292 21.71 6.86 4.81
N GLU A 293 21.37 7.86 5.61
CA GLU A 293 22.36 8.88 5.98
C GLU A 293 23.56 8.26 6.68
N ARG A 294 23.30 7.25 7.52
CA ARG A 294 24.37 6.55 8.23
C ARG A 294 25.29 5.86 7.24
N GLU A 295 24.69 5.16 6.28
CA GLU A 295 25.48 4.41 5.32
C GLU A 295 26.21 5.33 4.36
N GLN A 296 25.62 6.48 4.07
CA GLN A 296 26.25 7.41 3.14
C GLN A 296 27.54 7.98 3.73
N LEU A 297 27.47 8.32 5.02
CA LEU A 297 28.63 8.85 5.75
C LEU A 297 29.76 7.82 5.86
N LEU A 298 29.40 6.53 5.95
CA LEU A 298 30.37 5.47 6.13
C LEU A 298 30.59 4.73 4.83
N PHE A 299 30.24 5.35 3.70
CA PHE A 299 30.31 4.63 2.42
C PHE A 299 31.71 4.05 2.15
N ARG A 300 31.73 2.74 1.87
CA ARG A 300 32.92 1.95 1.55
C ARG A 300 33.88 1.77 2.73
N GLN A 301 33.42 2.11 3.94
CA GLN A 301 34.29 2.01 5.11
C GLN A 301 34.02 0.72 5.87
N PRO A 302 35.02 0.23 6.62
CA PRO A 302 34.90 -1.09 7.22
C PRO A 302 33.72 -1.24 8.17
N SER A 303 33.32 -0.17 8.85
CA SER A 303 32.21 -0.28 9.81
C SER A 303 30.84 -0.13 9.13
N SER A 304 30.82 0.11 7.83
CA SER A 304 29.52 0.28 7.15
C SER A 304 28.77 -1.04 6.99
N TYR A 305 27.45 -0.97 7.08
CA TYR A 305 26.64 -2.17 6.96
C TYR A 305 26.80 -2.78 5.59
N PHE A 306 26.89 -1.94 4.55
CA PHE A 306 26.94 -2.43 3.18
C PHE A 306 28.27 -3.12 2.92
N VAL A 307 29.27 -2.85 3.74
CA VAL A 307 30.53 -3.63 3.67
C VAL A 307 30.41 -4.90 4.53
N GLN A 308 30.03 -4.73 5.79
CA GLN A 308 30.03 -5.81 6.76
C GLN A 308 29.03 -6.91 6.42
N PHE A 309 27.84 -6.51 6.07
CA PHE A 309 26.75 -7.47 6.03
C PHE A 309 26.91 -8.51 4.91
N PRO A 310 27.13 -8.09 3.65
CA PRO A 310 27.42 -9.08 2.61
C PRO A 310 28.58 -10.02 2.93
N GLN A 311 29.63 -9.51 3.55
CA GLN A 311 30.75 -10.35 3.92
C GLN A 311 30.31 -11.43 4.93
N ALA A 312 29.53 -11.02 5.93
CA ALA A 312 29.01 -11.97 6.90
C ALA A 312 28.08 -12.96 6.23
N MET A 313 27.21 -12.50 5.35
CA MET A 313 26.27 -13.44 4.74
C MET A 313 26.99 -14.35 3.73
N GLN A 314 28.13 -13.93 3.21
CA GLN A 314 28.90 -14.80 2.33
C GLN A 314 29.42 -16.01 3.11
N ARG A 315 29.77 -15.81 4.39
CA ARG A 315 30.22 -16.92 5.22
C ARG A 315 29.04 -17.85 5.51
N CYS A 316 27.86 -17.28 5.72
CA CYS A 316 26.69 -18.12 5.96
C CYS A 316 26.39 -18.97 4.72
N ARG A 317 26.42 -18.33 3.56
CA ARG A 317 26.28 -19.01 2.27
C ARG A 317 27.26 -20.17 2.19
N ASP A 318 28.53 -19.92 2.51
CA ASP A 318 29.54 -20.97 2.33
C ASP A 318 29.30 -22.14 3.27
N HIS A 319 28.90 -21.82 4.50
CA HIS A 319 28.52 -22.81 5.47
C HIS A 319 27.37 -23.65 4.91
N MET A 320 26.32 -23.02 4.41
CA MET A 320 25.17 -23.77 3.92
C MET A 320 25.51 -24.67 2.72
N ILE A 321 26.35 -24.17 1.82
CA ILE A 321 26.72 -24.91 0.64
C ILE A 321 27.38 -26.22 1.04
N ARG A 322 28.36 -26.11 1.95
CA ARG A 322 29.09 -27.27 2.48
C ARG A 322 28.13 -28.23 3.19
N SER A 323 27.28 -27.71 4.07
CA SER A 323 26.37 -28.57 4.84
C SER A 323 25.36 -29.36 3.97
N LEU A 324 24.74 -28.68 3.00
CA LEU A 324 23.70 -29.30 2.19
C LEU A 324 24.27 -30.38 1.27
N GLN A 325 25.51 -30.19 0.86
CA GLN A 325 26.19 -31.24 0.12
C GLN A 325 26.31 -32.56 0.88
N SER A 326 26.34 -32.53 2.21
CA SER A 326 26.58 -33.76 2.99
C SER A 326 25.46 -34.78 2.83
N VAL A 327 24.36 -34.34 2.23
CA VAL A 327 23.16 -35.11 2.15
C VAL A 327 22.81 -35.39 0.68
N GLY A 328 23.63 -34.88 -0.22
CA GLY A 328 23.49 -35.16 -1.65
C GLY A 328 22.76 -34.09 -2.45
N LEU A 329 22.45 -32.98 -1.81
CA LEU A 329 21.95 -31.81 -2.52
C LEU A 329 23.11 -31.18 -3.26
N LYS A 330 22.84 -30.65 -4.44
CA LYS A 330 23.88 -30.08 -5.29
C LYS A 330 23.67 -28.57 -5.43
N PRO A 331 24.35 -27.80 -4.58
CA PRO A 331 24.17 -26.34 -4.67
C PRO A 331 24.75 -25.70 -5.91
N ILE A 332 24.04 -24.68 -6.39
CA ILE A 332 24.54 -23.76 -7.37
C ILE A 332 24.98 -22.48 -6.66
N ILE A 333 26.25 -22.12 -6.76
CA ILE A 333 26.78 -21.07 -5.91
C ILE A 333 26.22 -19.73 -6.41
N PRO A 334 25.51 -18.99 -5.52
CA PRO A 334 25.00 -17.69 -5.96
C PRO A 334 26.03 -16.59 -5.80
N GLN A 335 25.95 -15.63 -6.69
CA GLN A 335 26.78 -14.42 -6.65
C GLN A 335 26.13 -13.28 -5.86
N GLY A 336 24.85 -13.42 -5.55
CA GLY A 336 24.12 -12.40 -4.82
C GLY A 336 22.78 -12.89 -4.27
N SER A 337 22.06 -11.98 -3.60
CA SER A 337 20.72 -12.25 -3.03
C SER A 337 20.79 -13.02 -1.68
N TYR A 338 19.62 -13.26 -1.08
CA TYR A 338 19.48 -14.05 0.16
C TYR A 338 19.54 -15.55 -0.08
N PHE A 339 19.60 -15.97 -1.35
CA PHE A 339 19.20 -17.33 -1.69
C PHE A 339 20.24 -18.12 -2.48
N LEU A 340 20.12 -19.42 -2.36
CA LEU A 340 20.81 -20.34 -3.25
C LEU A 340 19.83 -21.44 -3.60
N ILE A 341 20.03 -22.05 -4.76
CA ILE A 341 19.22 -23.20 -5.10
C ILE A 341 20.10 -24.44 -5.13
N THR A 342 19.47 -25.56 -4.83
CA THR A 342 20.13 -26.87 -4.94
C THR A 342 19.38 -27.70 -5.97
N ASP A 343 20.14 -28.38 -6.82
CA ASP A 343 19.60 -29.34 -7.74
C ASP A 343 19.23 -30.59 -6.94
N ILE A 344 18.04 -31.14 -7.15
CA ILE A 344 17.63 -32.38 -6.49
C ILE A 344 17.46 -33.54 -7.47
N SER A 345 18.10 -33.43 -8.62
CA SER A 345 17.99 -34.47 -9.64
C SER A 345 18.41 -35.86 -9.15
N ASP A 346 19.45 -35.94 -8.31
CA ASP A 346 19.86 -37.24 -7.81
C ASP A 346 18.76 -37.84 -6.94
N PHE A 347 18.00 -36.99 -6.24
CA PHE A 347 16.88 -37.48 -5.45
C PHE A 347 15.72 -37.94 -6.34
N LYS A 348 15.42 -37.19 -7.40
CA LYS A 348 14.36 -37.61 -8.33
C LYS A 348 14.69 -38.97 -8.99
N ARG A 349 15.96 -39.25 -9.23
CA ARG A 349 16.33 -40.55 -9.78
C ARG A 349 16.16 -41.69 -8.77
N LYS A 350 16.59 -41.46 -7.53
CA LYS A 350 16.60 -42.54 -6.54
C LYS A 350 15.26 -42.70 -5.81
N MET A 351 14.45 -41.64 -5.82
CA MET A 351 13.18 -41.59 -5.12
C MET A 351 12.13 -40.90 -6.00
N PRO A 352 11.82 -41.51 -7.16
CA PRO A 352 11.00 -40.79 -8.14
C PRO A 352 9.54 -40.68 -7.77
N ASP A 353 9.05 -41.57 -6.90
CA ASP A 353 7.61 -41.70 -6.69
C ASP A 353 7.12 -41.12 -5.38
N LEU A 354 7.35 -39.83 -5.19
CA LEU A 354 6.78 -39.13 -4.03
C LEU A 354 5.30 -38.82 -4.21
N PRO A 355 4.52 -38.87 -3.12
CA PRO A 355 3.09 -38.60 -3.22
C PRO A 355 2.76 -37.15 -3.56
N GLY A 356 1.74 -36.97 -4.39
CA GLY A 356 1.27 -35.64 -4.74
C GLY A 356 0.11 -35.65 -5.72
N ALA A 357 -0.42 -34.47 -5.99
CA ALA A 357 -1.55 -34.29 -6.89
C ALA A 357 -1.13 -34.38 -8.36
N VAL A 358 -2.13 -34.41 -9.25
CA VAL A 358 -1.90 -34.55 -10.68
C VAL A 358 -1.05 -33.40 -11.20
N ASP A 359 -0.04 -33.72 -11.99
CA ASP A 359 0.84 -32.72 -12.61
C ASP A 359 1.53 -31.85 -11.58
N GLU A 360 1.61 -32.31 -10.33
CA GLU A 360 2.33 -31.58 -9.29
C GLU A 360 3.83 -31.79 -9.46
N PRO A 361 4.59 -30.71 -9.72
CA PRO A 361 5.99 -30.92 -10.03
C PRO A 361 6.76 -31.63 -8.90
N TYR A 362 7.82 -32.35 -9.27
CA TYR A 362 8.53 -33.20 -8.34
C TYR A 362 9.07 -32.36 -7.17
N ASP A 363 9.57 -31.17 -7.48
CA ASP A 363 10.18 -30.35 -6.43
C ASP A 363 9.21 -29.93 -5.35
N ARG A 364 7.95 -29.72 -5.69
CA ARG A 364 6.94 -29.39 -4.68
C ARG A 364 6.66 -30.59 -3.76
N ARG A 365 6.60 -31.79 -4.36
CA ARG A 365 6.43 -33.02 -3.60
C ARG A 365 7.66 -33.29 -2.72
N PHE A 366 8.86 -33.04 -3.24
CA PHE A 366 10.08 -33.21 -2.49
C PHE A 366 10.15 -32.30 -1.25
N VAL A 367 9.76 -31.03 -1.42
CA VAL A 367 9.80 -30.11 -0.29
C VAL A 367 8.84 -30.57 0.81
N LYS A 368 7.64 -31.02 0.44
CA LYS A 368 6.71 -31.55 1.43
C LYS A 368 7.33 -32.78 2.13
N TRP A 369 7.94 -33.67 1.36
CA TRP A 369 8.63 -34.81 1.95
C TRP A 369 9.75 -34.41 2.91
N MET A 370 10.55 -33.43 2.51
CA MET A 370 11.67 -32.98 3.29
C MET A 370 11.21 -32.31 4.61
N ILE A 371 10.17 -31.49 4.53
CA ILE A 371 9.63 -30.84 5.72
C ILE A 371 9.18 -31.92 6.71
N LYS A 372 8.37 -32.87 6.21
CA LYS A 372 7.76 -33.85 7.11
C LYS A 372 8.71 -34.89 7.66
N ASN A 373 9.68 -35.30 6.86
CA ASN A 373 10.61 -36.36 7.26
C ASN A 373 11.98 -35.88 7.77
N LYS A 374 12.48 -34.74 7.27
CA LYS A 374 13.83 -34.26 7.61
C LYS A 374 13.87 -32.96 8.43
N GLY A 375 12.73 -32.26 8.52
CA GLY A 375 12.62 -31.05 9.34
C GLY A 375 13.33 -29.83 8.74
N LEU A 376 13.55 -29.81 7.42
CA LEU A 376 14.12 -28.63 6.74
C LEU A 376 13.08 -28.10 5.78
N VAL A 377 12.89 -26.77 5.79
CA VAL A 377 12.03 -26.05 4.85
C VAL A 377 12.84 -25.41 3.73
N ALA A 378 12.43 -25.65 2.48
CA ALA A 378 12.93 -24.91 1.33
C ALA A 378 11.75 -24.58 0.44
N ILE A 379 11.97 -23.74 -0.57
CA ILE A 379 10.86 -23.36 -1.48
C ILE A 379 11.08 -24.06 -2.83
N PRO A 380 10.06 -24.77 -3.36
CA PRO A 380 10.19 -25.39 -4.69
C PRO A 380 10.37 -24.32 -5.73
N VAL A 381 11.39 -24.49 -6.56
CA VAL A 381 11.74 -23.47 -7.52
C VAL A 381 10.74 -23.43 -8.69
N SER A 382 9.89 -24.44 -8.83
CA SER A 382 8.91 -24.40 -9.93
C SER A 382 7.88 -23.29 -9.75
N ILE A 383 7.76 -22.72 -8.55
CA ILE A 383 6.81 -21.61 -8.38
C ILE A 383 7.31 -20.34 -9.10
N PHE A 384 8.61 -20.33 -9.44
CA PHE A 384 9.28 -19.22 -10.15
C PHE A 384 9.37 -19.48 -11.67
N TYR A 385 8.52 -20.40 -12.14
CA TYR A 385 8.45 -20.75 -13.58
C TYR A 385 7.03 -20.67 -14.08
N SER A 386 6.91 -20.30 -15.34
CA SER A 386 5.62 -20.44 -16.02
C SER A 386 5.17 -21.89 -15.99
N VAL A 387 3.87 -22.12 -15.97
CA VAL A 387 3.34 -23.48 -15.82
C VAL A 387 3.86 -24.41 -16.93
N PRO A 388 3.88 -23.96 -18.20
CA PRO A 388 4.38 -24.85 -19.25
C PRO A 388 5.84 -25.29 -19.07
N HIS A 389 6.58 -24.58 -18.22
CA HIS A 389 8.00 -24.86 -18.03
C HIS A 389 8.29 -25.59 -16.75
N GLN A 390 7.28 -25.84 -15.95
CA GLN A 390 7.49 -26.36 -14.59
C GLN A 390 7.92 -27.83 -14.62
N LYS A 391 7.43 -28.58 -15.59
CA LYS A 391 7.88 -29.95 -15.75
C LYS A 391 9.41 -30.05 -16.03
N HIS A 392 9.94 -29.26 -16.96
CA HIS A 392 11.38 -29.26 -17.23
C HIS A 392 12.16 -28.77 -16.00
N PHE A 393 11.62 -27.72 -15.37
CA PHE A 393 12.31 -27.08 -14.28
C PHE A 393 11.67 -27.49 -12.96
N ASP A 394 11.73 -28.80 -12.71
CA ASP A 394 11.07 -29.45 -11.60
C ASP A 394 12.02 -29.99 -10.55
N HIS A 395 13.31 -29.66 -10.64
CA HIS A 395 14.33 -30.35 -9.85
C HIS A 395 15.28 -29.40 -9.14
N TYR A 396 14.77 -28.23 -8.78
CA TYR A 396 15.52 -27.29 -7.95
C TYR A 396 14.68 -26.86 -6.74
N ILE A 397 15.35 -26.65 -5.60
CA ILE A 397 14.71 -26.03 -4.44
C ILE A 397 15.58 -24.90 -3.93
N ARG A 398 14.93 -23.91 -3.33
CA ARG A 398 15.57 -22.66 -2.90
C ARG A 398 15.71 -22.58 -1.41
N PHE A 399 16.92 -22.29 -0.98
CA PHE A 399 17.24 -22.12 0.44
C PHE A 399 17.62 -20.68 0.70
N CYS A 400 17.31 -20.22 1.91
CA CYS A 400 17.74 -18.90 2.35
C CYS A 400 18.83 -19.04 3.40
N PHE A 401 20.00 -18.44 3.16
CA PHE A 401 21.10 -18.55 4.12
C PHE A 401 21.33 -17.32 4.99
N VAL A 402 20.44 -16.33 4.86
CA VAL A 402 20.52 -15.14 5.71
C VAL A 402 19.82 -15.43 7.03
N LYS A 403 20.58 -16.12 7.88
CA LYS A 403 20.08 -16.73 9.09
C LYS A 403 21.07 -16.56 10.23
N ASP A 404 20.52 -16.57 11.44
CA ASP A 404 21.28 -16.63 12.68
C ASP A 404 22.22 -17.83 12.71
N GLU A 405 23.38 -17.65 13.34
CA GLU A 405 24.30 -18.76 13.51
C GLU A 405 23.65 -19.95 14.23
N ALA A 406 22.74 -19.68 15.18
CA ALA A 406 21.98 -20.77 15.83
C ALA A 406 21.05 -21.52 14.88
N THR A 407 20.50 -20.83 13.89
CA THR A 407 19.65 -21.50 12.92
C THR A 407 20.47 -22.42 12.04
N LEU A 408 21.65 -21.96 11.63
CA LEU A 408 22.54 -22.81 10.86
C LEU A 408 23.01 -24.02 11.67
N GLN A 409 23.29 -23.83 12.96
CA GLN A 409 23.58 -24.98 13.83
C GLN A 409 22.42 -25.98 13.84
N ALA A 410 21.21 -25.47 13.99
CA ALA A 410 20.03 -26.33 13.98
C ALA A 410 19.88 -27.06 12.64
N MET A 411 20.24 -26.41 11.54
CA MET A 411 20.19 -27.02 10.20
C MET A 411 21.12 -28.23 10.18
N ASP A 412 22.34 -28.02 10.66
CA ASP A 412 23.35 -29.08 10.71
C ASP A 412 22.91 -30.25 11.57
N GLU A 413 22.17 -29.97 12.63
CA GLU A 413 21.60 -31.02 13.45
C GLU A 413 20.58 -31.85 12.66
N LYS A 414 19.75 -31.20 11.85
CA LYS A 414 18.83 -31.92 10.97
C LYS A 414 19.58 -32.73 9.94
N LEU A 415 20.66 -32.18 9.41
CA LEU A 415 21.42 -32.90 8.39
C LEU A 415 22.11 -34.15 8.97
N ARG A 416 22.51 -34.09 10.23
CA ARG A 416 23.10 -35.27 10.86
C ARG A 416 22.10 -36.41 10.94
N LYS A 417 20.84 -36.06 11.21
CA LYS A 417 19.77 -37.05 11.39
C LYS A 417 19.11 -37.47 10.08
N TRP A 418 19.55 -36.89 8.96
CA TRP A 418 18.96 -37.16 7.66
C TRP A 418 19.16 -38.63 7.19
N LYS A 419 20.38 -39.14 7.23
CA LYS A 419 20.66 -40.42 6.57
C LYS A 419 19.96 -41.63 7.20
N VAL A 420 19.62 -41.55 8.49
CA VAL A 420 19.12 -42.73 9.21
C VAL A 420 17.93 -43.39 8.51
N GLU A 421 17.07 -42.58 7.92
CA GLU A 421 15.98 -43.08 7.10
C GLU A 421 16.54 -43.52 5.76
N LEU A 422 17.40 -42.66 5.19
CA LEU A 422 18.04 -42.92 3.91
C LEU A 422 19.02 -41.80 3.58
N GLN B 4 0.45 4.59 -27.15
CA GLN B 4 0.95 5.33 -25.99
C GLN B 4 1.61 4.45 -24.92
N LEU B 5 2.43 5.11 -24.10
CA LEU B 5 3.18 4.46 -23.03
C LEU B 5 2.27 3.94 -21.91
N GLN B 6 1.40 4.80 -21.41
CA GLN B 6 0.64 4.50 -20.21
C GLN B 6 -0.68 3.78 -20.49
N ALA B 7 -1.13 3.03 -19.51
CA ALA B 7 -2.37 2.27 -19.63
C ALA B 7 -3.60 3.19 -19.72
N ARG B 8 -4.61 2.82 -20.50
CA ARG B 8 -5.74 3.72 -20.64
C ARG B 8 -6.67 3.70 -19.43
N ARG B 9 -6.37 2.87 -18.43
CA ARG B 9 -7.08 2.97 -17.15
C ARG B 9 -6.73 4.27 -16.41
N LEU B 10 -5.69 4.95 -16.83
CA LEU B 10 -5.30 6.20 -16.18
C LEU B 10 -5.94 7.42 -16.83
N ASP B 11 -6.71 7.20 -17.90
CA ASP B 11 -7.41 8.34 -18.51
C ASP B 11 -8.18 9.14 -17.48
N GLY B 12 -7.92 10.44 -17.46
CA GLY B 12 -8.76 11.37 -16.74
C GLY B 12 -8.64 11.43 -15.23
N ILE B 13 -7.71 10.68 -14.65
CA ILE B 13 -7.53 10.64 -13.21
C ILE B 13 -6.16 11.10 -12.75
N ASP B 14 -5.42 11.79 -13.64
CA ASP B 14 -4.11 12.32 -13.26
C ASP B 14 -4.22 13.70 -12.59
N TYR B 15 -5.34 14.39 -12.74
CA TYR B 15 -5.52 15.64 -12.01
C TYR B 15 -5.92 15.37 -10.57
N ASN B 16 -5.08 15.82 -9.65
CA ASN B 16 -5.37 15.72 -8.22
C ASN B 16 -5.08 17.07 -7.56
N PRO B 17 -6.13 17.76 -7.05
CA PRO B 17 -5.95 19.15 -6.60
C PRO B 17 -5.26 19.30 -5.24
N TRP B 18 -5.00 18.20 -4.55
CA TRP B 18 -4.48 18.28 -3.18
C TRP B 18 -3.03 18.77 -3.12
N VAL B 19 -2.23 18.44 -4.12
CA VAL B 19 -0.84 18.88 -4.16
C VAL B 19 -0.77 20.40 -4.09
N GLU B 20 -1.69 21.05 -4.78
CA GLU B 20 -1.78 22.51 -4.76
C GLU B 20 -2.29 22.99 -3.39
N PHE B 21 -3.32 22.32 -2.86
CA PHE B 21 -3.92 22.72 -1.60
C PHE B 21 -2.89 22.69 -0.47
N VAL B 22 -2.09 21.62 -0.44
CA VAL B 22 -1.05 21.48 0.58
C VAL B 22 0.04 22.53 0.41
N LYS B 23 0.29 22.94 -0.84
CA LYS B 23 1.32 23.94 -1.13
C LYS B 23 0.93 25.31 -0.61
N LEU B 24 -0.29 25.75 -0.93
CA LEU B 24 -0.80 27.04 -0.48
C LEU B 24 -0.87 27.12 1.04
N ALA B 25 -0.90 25.96 1.68
CA ALA B 25 -1.24 25.86 3.09
C ALA B 25 -0.15 26.27 4.08
N SER B 26 1.12 26.09 3.72
CA SER B 26 2.20 26.22 4.69
C SER B 26 3.04 27.50 4.59
N GLU B 27 3.31 27.95 3.37
CA GLU B 27 4.32 28.99 3.16
C GLU B 27 3.91 30.38 3.64
N HIS B 28 2.66 30.76 3.40
CA HIS B 28 2.17 32.06 3.83
C HIS B 28 1.84 32.01 5.32
N ASP B 29 1.86 33.16 5.99
CA ASP B 29 1.53 33.23 7.40
C ASP B 29 0.04 32.95 7.57
N VAL B 30 -0.33 31.67 7.53
CA VAL B 30 -1.72 31.28 7.42
C VAL B 30 -2.10 30.24 8.45
N VAL B 31 -3.41 30.21 8.73
CA VAL B 31 -3.99 29.24 9.65
C VAL B 31 -4.65 28.16 8.80
N ASN B 32 -4.10 26.95 8.92
CA ASN B 32 -4.48 25.84 8.03
C ASN B 32 -5.62 25.04 8.58
N LEU B 33 -6.81 25.34 8.07
CA LEU B 33 -8.02 24.65 8.47
C LEU B 33 -8.50 23.81 7.31
N GLY B 34 -7.59 23.50 6.39
CA GLY B 34 -7.90 22.67 5.23
C GLY B 34 -7.38 21.25 5.40
N GLN B 35 -6.31 21.09 6.16
CA GLN B 35 -5.73 19.78 6.37
C GLN B 35 -6.59 18.88 7.26
N GLY B 36 -6.97 17.74 6.73
CA GLY B 36 -7.75 16.74 7.46
C GLY B 36 -6.90 15.87 8.39
N PHE B 37 -6.17 16.51 9.29
CA PHE B 37 -5.44 15.79 10.31
C PHE B 37 -5.23 16.70 11.50
N PRO B 38 -5.01 16.12 12.67
CA PRO B 38 -4.85 16.95 13.85
C PRO B 38 -3.46 17.56 13.94
N ASP B 39 -3.34 18.78 14.47
CA ASP B 39 -2.02 19.36 14.67
C ASP B 39 -1.61 19.32 16.14
N PHE B 40 -2.20 18.38 16.87
CA PHE B 40 -1.81 18.05 18.25
C PHE B 40 -1.46 16.57 18.28
N PRO B 41 -0.81 16.11 19.37
CA PRO B 41 -0.38 14.72 19.34
C PRO B 41 -1.52 13.70 19.45
N PRO B 42 -1.28 12.50 18.93
CA PRO B 42 -2.14 11.35 19.28
C PRO B 42 -2.16 11.15 20.80
N PRO B 43 -3.16 10.43 21.34
CA PRO B 43 -3.14 10.19 22.79
C PRO B 43 -1.88 9.45 23.24
N ASP B 44 -1.47 9.62 24.49
CA ASP B 44 -0.27 8.96 25.02
C ASP B 44 -0.26 7.46 24.75
N PHE B 45 -1.37 6.78 24.99
CA PHE B 45 -1.37 5.33 24.88
C PHE B 45 -1.06 4.88 23.46
N ALA B 46 -1.42 5.70 22.48
CA ALA B 46 -1.19 5.32 21.07
C ALA B 46 0.27 5.50 20.71
N VAL B 47 0.84 6.63 21.10
CA VAL B 47 2.25 6.89 20.82
C VAL B 47 3.10 5.84 21.55
N GLU B 48 2.77 5.55 22.81
CA GLU B 48 3.46 4.51 23.59
C GLU B 48 3.32 3.14 22.92
N ALA B 49 2.16 2.84 22.34
CA ALA B 49 2.01 1.57 21.64
C ALA B 49 3.00 1.41 20.48
N PHE B 50 3.23 2.49 19.75
CA PHE B 50 4.14 2.42 18.62
C PHE B 50 5.56 2.34 19.14
N GLN B 51 5.88 3.10 20.18
CA GLN B 51 7.18 2.99 20.81
C GLN B 51 7.49 1.57 21.27
N HIS B 52 6.47 0.91 21.82
CA HIS B 52 6.62 -0.46 22.27
C HIS B 52 6.89 -1.37 21.10
N ALA B 53 6.21 -1.13 19.99
CA ALA B 53 6.34 -2.06 18.87
C ALA B 53 7.72 -1.99 18.25
N VAL B 54 8.34 -0.81 18.29
CA VAL B 54 9.66 -0.66 17.70
C VAL B 54 10.78 -0.86 18.73
N SER B 55 10.43 -1.21 19.96
CA SER B 55 11.45 -1.50 20.98
C SER B 55 11.20 -2.86 21.69
N GLY B 56 10.39 -3.72 21.10
CA GLY B 56 10.04 -5.01 21.68
C GLY B 56 10.72 -6.16 20.98
N ASP B 57 9.96 -7.24 20.79
CA ASP B 57 10.41 -8.42 20.00
C ASP B 57 11.08 -7.95 18.71
N PHE B 58 12.37 -8.26 18.53
CA PHE B 58 13.08 -7.70 17.37
C PHE B 58 12.49 -8.28 16.08
N MET B 59 11.77 -9.39 16.18
CA MET B 59 11.25 -10.04 14.98
C MET B 59 10.07 -9.26 14.42
N LEU B 60 9.56 -8.32 15.20
CA LEU B 60 8.56 -7.37 14.67
C LEU B 60 9.13 -6.51 13.57
N ASN B 61 10.45 -6.46 13.43
CA ASN B 61 11.02 -5.74 12.29
C ASN B 61 10.88 -6.54 10.98
N GLN B 62 10.48 -7.81 11.06
CA GLN B 62 10.33 -8.63 9.84
C GLN B 62 8.85 -8.82 9.46
N TYR B 63 8.62 -9.39 8.28
CA TYR B 63 7.28 -9.64 7.74
C TYR B 63 6.34 -10.26 8.74
N THR B 64 5.08 -9.84 8.72
CA THR B 64 4.04 -10.55 9.44
C THR B 64 3.14 -11.21 8.40
N LYS B 65 1.98 -11.70 8.84
CA LYS B 65 1.05 -12.40 7.93
C LYS B 65 0.44 -11.48 6.89
N THR B 66 0.29 -12.01 5.68
CA THR B 66 -0.19 -11.24 4.56
C THR B 66 -1.51 -10.52 4.79
N PHE B 67 -2.51 -11.16 5.39
CA PHE B 67 -3.81 -10.49 5.52
C PHE B 67 -3.97 -9.76 6.85
N GLY B 68 -2.91 -9.75 7.66
CA GLY B 68 -2.90 -8.92 8.86
C GLY B 68 -2.10 -9.51 10.00
N TYR B 69 -1.46 -8.62 10.76
CA TYR B 69 -0.82 -8.99 12.02
C TYR B 69 -1.87 -9.70 12.89
N PRO B 70 -1.61 -10.93 13.34
CA PRO B 70 -2.76 -11.60 13.97
C PRO B 70 -3.33 -10.94 15.27
N PRO B 71 -2.49 -10.33 16.13
CA PRO B 71 -3.07 -9.62 17.27
C PRO B 71 -4.00 -8.50 16.79
N LEU B 72 -3.72 -7.92 15.63
CA LEU B 72 -4.60 -6.83 15.16
C LEU B 72 -5.89 -7.40 14.60
N THR B 73 -5.83 -8.46 13.79
CA THR B 73 -7.07 -9.00 13.23
C THR B 73 -7.92 -9.59 14.35
N LYS B 74 -7.27 -10.13 15.37
CA LYS B 74 -8.01 -10.69 16.51
C LYS B 74 -8.86 -9.63 17.22
N ILE B 75 -8.25 -8.51 17.58
CA ILE B 75 -8.99 -7.46 18.27
C ILE B 75 -9.95 -6.73 17.32
N LEU B 76 -9.60 -6.57 16.05
CA LEU B 76 -10.58 -5.98 15.13
C LEU B 76 -11.82 -6.84 15.10
N ALA B 77 -11.64 -8.15 14.96
CA ALA B 77 -12.75 -9.08 14.84
C ALA B 77 -13.59 -9.11 16.13
N SER B 78 -12.92 -9.10 17.28
CA SER B 78 -13.57 -9.08 18.60
C SER B 78 -14.37 -7.81 18.83
N PHE B 79 -13.70 -6.67 18.67
CA PHE B 79 -14.29 -5.40 19.04
C PHE B 79 -15.37 -4.99 18.06
N PHE B 80 -15.10 -5.11 16.77
CA PHE B 80 -16.11 -4.69 15.80
C PHE B 80 -17.23 -5.72 15.64
N GLY B 81 -16.98 -6.99 15.94
CA GLY B 81 -18.06 -7.95 15.93
C GLY B 81 -19.08 -7.59 16.99
N GLU B 82 -18.60 -7.17 18.15
CA GLU B 82 -19.50 -6.67 19.19
C GLU B 82 -20.30 -5.44 18.71
N LEU B 83 -19.63 -4.47 18.11
CA LEU B 83 -20.32 -3.24 17.68
C LEU B 83 -21.32 -3.54 16.57
N LEU B 84 -21.00 -4.50 15.70
CA LEU B 84 -21.84 -4.82 14.56
C LEU B 84 -22.90 -5.87 14.87
N GLY B 85 -22.84 -6.48 16.05
CA GLY B 85 -23.73 -7.59 16.36
C GLY B 85 -23.49 -8.75 15.40
N GLN B 86 -22.22 -8.98 15.10
CA GLN B 86 -21.81 -9.97 14.11
C GLN B 86 -20.61 -10.79 14.62
N GLU B 87 -20.67 -12.10 14.41
CA GLU B 87 -19.51 -12.96 14.63
C GLU B 87 -18.53 -12.77 13.47
N ILE B 88 -17.34 -12.27 13.76
CA ILE B 88 -16.35 -11.98 12.73
C ILE B 88 -15.15 -12.93 12.86
N ASP B 89 -14.90 -13.66 11.79
CA ASP B 89 -13.72 -14.53 11.68
C ASP B 89 -12.49 -13.71 11.32
N PRO B 90 -11.47 -13.68 12.19
CA PRO B 90 -10.37 -12.79 11.82
C PRO B 90 -9.64 -13.25 10.56
N LEU B 91 -9.59 -14.54 10.25
CA LEU B 91 -8.82 -14.99 9.10
C LEU B 91 -9.60 -14.85 7.78
N ARG B 92 -10.93 -14.85 7.88
CA ARG B 92 -11.79 -14.83 6.69
C ARG B 92 -12.56 -13.52 6.45
N ASN B 93 -12.74 -12.69 7.49
CA ASN B 93 -13.62 -11.52 7.40
C ASN B 93 -12.91 -10.20 7.68
N VAL B 94 -11.60 -10.25 7.86
CA VAL B 94 -10.81 -9.06 8.15
C VAL B 94 -9.60 -8.98 7.22
N LEU B 95 -9.36 -7.80 6.64
CA LEU B 95 -8.14 -7.54 5.88
C LEU B 95 -7.56 -6.22 6.34
N VAL B 96 -6.28 -6.23 6.73
CA VAL B 96 -5.58 -4.97 7.06
C VAL B 96 -4.96 -4.39 5.80
N THR B 97 -5.07 -3.05 5.66
CA THR B 97 -4.76 -2.32 4.45
C THR B 97 -3.93 -1.09 4.76
N VAL B 98 -3.42 -0.46 3.71
CA VAL B 98 -2.68 0.77 3.84
C VAL B 98 -3.67 1.94 3.91
N GLY B 99 -4.17 2.13 5.11
CA GLY B 99 -5.16 3.15 5.40
C GLY B 99 -6.53 2.80 4.86
N GLY B 100 -7.49 3.64 5.22
CA GLY B 100 -8.79 3.61 4.56
C GLY B 100 -8.69 3.78 3.05
N TYR B 101 -7.70 4.55 2.60
CA TYR B 101 -7.52 4.80 1.18
CA TYR B 101 -7.47 4.80 1.17
C TYR B 101 -7.21 3.47 0.49
N GLY B 102 -6.26 2.71 1.04
CA GLY B 102 -5.94 1.42 0.47
C GLY B 102 -7.09 0.42 0.53
N ALA B 103 -7.86 0.49 1.60
CA ALA B 103 -9.04 -0.34 1.76
C ALA B 103 -10.03 -0.07 0.64
N LEU B 104 -10.34 1.20 0.39
CA LEU B 104 -11.21 1.58 -0.74
C LEU B 104 -10.66 1.05 -2.04
N PHE B 105 -9.36 1.29 -2.30
CA PHE B 105 -8.73 0.87 -3.56
C PHE B 105 -8.87 -0.64 -3.77
N THR B 106 -8.65 -1.38 -2.70
CA THR B 106 -8.71 -2.82 -2.73
C THR B 106 -10.15 -3.27 -3.06
N ALA B 107 -11.14 -2.61 -2.44
CA ALA B 107 -12.53 -2.95 -2.72
C ALA B 107 -12.89 -2.66 -4.17
N PHE B 108 -12.56 -1.47 -4.67
CA PHE B 108 -12.90 -1.18 -6.07
C PHE B 108 -12.20 -2.12 -7.05
N GLN B 109 -10.93 -2.45 -6.80
CA GLN B 109 -10.23 -3.32 -7.74
C GLN B 109 -10.75 -4.75 -7.69
N ALA B 110 -11.31 -5.13 -6.55
CA ALA B 110 -11.83 -6.50 -6.40
C ALA B 110 -13.15 -6.67 -7.11
N LEU B 111 -13.98 -5.63 -7.08
CA LEU B 111 -15.40 -5.78 -7.43
C LEU B 111 -15.85 -5.05 -8.70
N VAL B 112 -15.19 -3.94 -9.04
CA VAL B 112 -15.68 -3.08 -10.11
C VAL B 112 -14.99 -3.49 -11.39
N ASP B 113 -15.81 -3.70 -12.43
CA ASP B 113 -15.36 -4.20 -13.71
C ASP B 113 -15.92 -3.28 -14.80
N GLU B 114 -15.39 -3.45 -15.99
CA GLU B 114 -15.77 -2.63 -17.12
C GLU B 114 -17.27 -2.69 -17.35
N GLY B 115 -17.86 -1.50 -17.40
CA GLY B 115 -19.28 -1.37 -17.60
C GLY B 115 -20.15 -1.37 -16.36
N ASP B 116 -19.60 -1.80 -15.22
CA ASP B 116 -20.34 -1.73 -13.97
C ASP B 116 -20.67 -0.29 -13.61
N GLU B 117 -21.88 -0.05 -13.07
CA GLU B 117 -22.21 1.24 -12.45
C GLU B 117 -21.93 1.24 -10.95
N VAL B 118 -21.49 2.40 -10.45
CA VAL B 118 -21.20 2.55 -9.03
C VAL B 118 -21.94 3.81 -8.64
N ILE B 119 -22.84 3.71 -7.67
CA ILE B 119 -23.58 4.84 -7.17
C ILE B 119 -22.75 5.55 -6.11
N ILE B 120 -22.55 6.85 -6.34
CA ILE B 120 -21.81 7.71 -5.45
C ILE B 120 -22.72 8.85 -5.00
N ILE B 121 -22.61 9.19 -3.72
CA ILE B 121 -23.49 10.18 -3.10
C ILE B 121 -22.73 11.49 -2.92
N GLU B 122 -23.26 12.55 -3.54
CA GLU B 122 -22.61 13.87 -3.47
C GLU B 122 -23.11 14.67 -2.28
N PRO B 123 -22.22 15.38 -1.58
CA PRO B 123 -20.78 15.52 -1.79
C PRO B 123 -20.02 14.26 -1.36
N PHE B 124 -19.07 13.85 -2.17
CA PHE B 124 -18.30 12.62 -1.91
C PHE B 124 -16.82 12.84 -1.73
N PHE B 125 -16.23 12.05 -0.84
CA PHE B 125 -14.78 11.97 -0.72
C PHE B 125 -14.21 11.70 -2.10
N ASP B 126 -13.29 12.55 -2.55
CA ASP B 126 -13.08 12.74 -3.99
C ASP B 126 -12.53 11.50 -4.67
N CYS B 127 -11.82 10.63 -3.95
CA CYS B 127 -11.23 9.46 -4.63
C CYS B 127 -12.27 8.43 -5.15
N TYR B 128 -13.52 8.48 -4.72
CA TYR B 128 -14.46 7.42 -5.10
C TYR B 128 -14.63 7.37 -6.62
N GLU B 129 -14.62 8.56 -7.22
CA GLU B 129 -14.85 8.70 -8.66
C GLU B 129 -13.68 8.18 -9.49
N PRO B 130 -12.44 8.70 -9.27
CA PRO B 130 -11.36 8.13 -10.07
C PRO B 130 -11.06 6.65 -9.76
N MET B 131 -11.22 6.20 -8.53
CA MET B 131 -11.05 4.76 -8.26
C MET B 131 -12.06 3.90 -9.03
N THR B 132 -13.31 4.38 -9.08
CA THR B 132 -14.32 3.73 -9.89
C THR B 132 -13.91 3.72 -11.36
N MET B 133 -13.46 4.86 -11.87
CA MET B 133 -13.08 4.98 -13.28
C MET B 133 -11.87 4.08 -13.63
N MET B 134 -10.87 4.06 -12.76
CA MET B 134 -9.69 3.21 -13.02
C MET B 134 -10.07 1.74 -13.15
N ALA B 135 -11.08 1.31 -12.41
CA ALA B 135 -11.52 -0.07 -12.45
C ALA B 135 -12.51 -0.33 -13.59
N GLY B 136 -12.74 0.66 -14.44
CA GLY B 136 -13.62 0.50 -15.59
C GLY B 136 -15.09 0.75 -15.30
N GLY B 137 -15.39 1.21 -14.09
CA GLY B 137 -16.77 1.48 -13.68
C GLY B 137 -17.28 2.80 -14.22
N ARG B 138 -18.61 2.95 -14.28
CA ARG B 138 -19.25 4.18 -14.69
C ARG B 138 -19.93 4.84 -13.48
N PRO B 139 -19.33 5.89 -12.91
CA PRO B 139 -19.95 6.54 -11.76
C PRO B 139 -21.32 7.10 -12.04
N VAL B 140 -22.23 6.86 -11.10
CA VAL B 140 -23.60 7.36 -11.18
C VAL B 140 -23.80 8.16 -9.92
N PHE B 141 -24.14 9.44 -10.05
CA PHE B 141 -24.24 10.34 -8.91
C PHE B 141 -25.64 10.63 -8.44
N VAL B 142 -25.83 10.58 -7.12
CA VAL B 142 -27.07 11.05 -6.47
C VAL B 142 -26.68 12.18 -5.54
N SER B 143 -27.36 13.32 -5.64
CA SER B 143 -26.98 14.52 -4.87
C SER B 143 -27.84 14.63 -3.62
N LEU B 144 -27.24 14.65 -2.43
CA LEU B 144 -28.01 15.08 -1.24
C LEU B 144 -28.59 16.48 -1.50
N LYS B 145 -29.83 16.67 -1.05
CA LYS B 145 -30.58 17.91 -1.27
C LYS B 145 -30.43 18.84 -0.06
N PRO B 146 -29.76 19.99 -0.22
CA PRO B 146 -29.69 20.95 0.89
C PRO B 146 -31.08 21.31 1.40
N GLY B 147 -31.25 21.39 2.72
CA GLY B 147 -32.58 21.56 3.31
C GLY B 147 -33.31 22.84 2.90
N LEU B 154 -29.36 28.35 11.55
CA LEU B 154 -28.36 27.65 10.76
C LEU B 154 -28.85 26.29 10.31
N GLY B 155 -28.43 25.90 9.11
CA GLY B 155 -28.72 24.58 8.59
C GLY B 155 -27.95 23.52 9.36
N SER B 156 -28.44 22.28 9.24
CA SER B 156 -27.83 21.11 9.87
C SER B 156 -27.56 20.07 8.80
N SER B 157 -26.45 19.36 8.92
CA SER B 157 -26.09 18.33 7.95
C SER B 157 -27.17 17.25 7.85
N SER B 158 -27.86 17.02 8.97
CA SER B 158 -28.91 16.02 9.03
C SER B 158 -30.05 16.34 8.05
N ASN B 159 -30.26 17.62 7.77
CA ASN B 159 -31.35 18.04 6.87
C ASN B 159 -30.95 18.00 5.38
N TRP B 160 -29.73 17.56 5.08
CA TRP B 160 -29.41 17.28 3.67
C TRP B 160 -30.00 15.92 3.35
N GLN B 161 -30.99 15.90 2.47
CA GLN B 161 -31.84 14.71 2.27
C GLN B 161 -31.34 13.82 1.14
N LEU B 162 -31.40 12.52 1.39
CA LEU B 162 -31.21 11.50 0.37
C LEU B 162 -32.59 11.12 -0.16
N ASP B 163 -32.95 11.71 -1.28
CA ASP B 163 -34.29 11.58 -1.78
C ASP B 163 -34.55 10.16 -2.24
N PRO B 164 -35.58 9.49 -1.68
CA PRO B 164 -35.79 8.08 -1.99
C PRO B 164 -36.11 7.79 -3.45
N MET B 165 -36.93 8.61 -4.09
CA MET B 165 -37.27 8.39 -5.49
C MET B 165 -36.04 8.60 -6.40
N GLU B 166 -35.22 9.61 -6.09
CA GLU B 166 -34.00 9.88 -6.84
C GLU B 166 -33.02 8.70 -6.72
N LEU B 167 -32.77 8.29 -5.48
CA LEU B 167 -31.83 7.22 -5.22
C LEU B 167 -32.35 5.95 -5.89
N ALA B 168 -33.63 5.66 -5.74
CA ALA B 168 -34.21 4.47 -6.37
C ALA B 168 -34.02 4.44 -7.89
N GLY B 169 -34.21 5.59 -8.54
CA GLY B 169 -34.06 5.67 -9.98
C GLY B 169 -32.62 5.52 -10.48
N LYS B 170 -31.65 5.61 -9.59
CA LYS B 170 -30.24 5.46 -9.99
C LYS B 170 -29.83 3.99 -10.08
N PHE B 171 -30.56 3.14 -9.38
CA PHE B 171 -30.30 1.71 -9.41
C PHE B 171 -30.76 1.12 -10.73
N THR B 172 -29.89 0.32 -11.32
CA THR B 172 -30.17 -0.38 -12.58
C THR B 172 -29.59 -1.79 -12.53
N SER B 173 -29.84 -2.58 -13.57
CA SER B 173 -29.24 -3.90 -13.67
C SER B 173 -27.71 -3.86 -13.77
N ARG B 174 -27.16 -2.69 -14.09
CA ARG B 174 -25.71 -2.57 -14.21
C ARG B 174 -25.06 -2.14 -12.87
N THR B 175 -25.88 -1.84 -11.86
CA THR B 175 -25.30 -1.39 -10.58
C THR B 175 -24.58 -2.54 -9.89
N LYS B 176 -23.28 -2.35 -9.64
CA LYS B 176 -22.45 -3.31 -8.92
C LYS B 176 -22.35 -2.97 -7.45
N ALA B 177 -22.17 -1.68 -7.19
CA ALA B 177 -21.93 -1.21 -5.82
C ALA B 177 -22.45 0.19 -5.58
N LEU B 178 -22.70 0.49 -4.31
CA LEU B 178 -23.01 1.84 -3.85
C LEU B 178 -21.97 2.19 -2.79
N VAL B 179 -21.46 3.43 -2.83
CA VAL B 179 -20.47 3.86 -1.85
C VAL B 179 -21.12 4.76 -0.82
N LEU B 180 -21.19 4.27 0.40
CA LEU B 180 -21.79 5.01 1.51
C LEU B 180 -20.72 5.50 2.45
N ASN B 181 -20.64 6.81 2.66
CA ASN B 181 -19.67 7.36 3.58
C ASN B 181 -20.42 8.03 4.73
N THR B 182 -20.35 7.42 5.91
CA THR B 182 -20.97 8.02 7.10
C THR B 182 -20.10 7.77 8.32
N PRO B 183 -19.81 8.78 9.15
CA PRO B 183 -20.08 10.21 8.92
C PRO B 183 -19.44 10.65 7.61
N ASN B 184 -20.11 11.53 6.89
CA ASN B 184 -19.67 12.05 5.59
C ASN B 184 -18.62 13.14 5.68
N ASN B 185 -17.59 13.00 4.84
CA ASN B 185 -16.64 14.02 4.46
C ASN B 185 -17.08 14.45 3.07
N PRO B 186 -17.42 15.74 2.88
CA PRO B 186 -17.10 16.94 3.66
C PRO B 186 -18.21 17.48 4.54
N LEU B 187 -19.41 16.93 4.46
CA LEU B 187 -20.61 17.56 4.99
C LEU B 187 -20.81 17.33 6.48
N GLY B 188 -20.34 16.20 6.99
CA GLY B 188 -20.49 15.93 8.41
C GLY B 188 -21.84 15.34 8.75
N LYS B 189 -22.55 14.85 7.75
CA LYS B 189 -23.82 14.15 7.94
C LYS B 189 -23.58 12.77 8.55
N VAL B 190 -24.44 12.40 9.51
CA VAL B 190 -24.41 11.12 10.20
C VAL B 190 -25.69 10.46 9.75
N PHE B 191 -25.58 9.43 8.94
CA PHE B 191 -26.78 8.82 8.38
C PHE B 191 -27.66 8.18 9.47
N SER B 192 -28.97 8.46 9.40
CA SER B 192 -29.95 7.94 10.36
C SER B 192 -30.28 6.48 10.07
N ARG B 193 -30.89 5.76 11.02
CA ARG B 193 -31.37 4.41 10.75
C ARG B 193 -32.32 4.35 9.55
N GLU B 194 -33.24 5.32 9.43
CA GLU B 194 -34.17 5.36 8.31
C GLU B 194 -33.43 5.45 6.98
N GLU B 195 -32.40 6.32 6.92
CA GLU B 195 -31.66 6.52 5.67
C GLU B 195 -30.88 5.26 5.32
N LEU B 196 -30.36 4.58 6.34
CA LEU B 196 -29.61 3.34 6.10
C LEU B 196 -30.57 2.24 5.66
N GLU B 197 -31.78 2.24 6.21
CA GLU B 197 -32.77 1.25 5.83
C GLU B 197 -33.18 1.44 4.37
N LEU B 198 -33.24 2.69 3.94
CA LEU B 198 -33.54 3.00 2.55
C LEU B 198 -32.45 2.39 1.66
N VAL B 199 -31.21 2.72 1.96
CA VAL B 199 -30.08 2.19 1.19
C VAL B 199 -30.07 0.66 1.22
N ALA B 200 -30.24 0.07 2.40
CA ALA B 200 -30.22 -1.38 2.57
C ALA B 200 -31.30 -2.07 1.73
N SER B 201 -32.52 -1.55 1.76
CA SER B 201 -33.58 -2.17 0.98
C SER B 201 -33.28 -2.15 -0.52
N LEU B 202 -32.73 -1.04 -1.03
CA LEU B 202 -32.42 -0.97 -2.44
C LEU B 202 -31.24 -1.89 -2.79
N CYS B 203 -30.26 -1.99 -1.91
CA CYS B 203 -29.15 -2.88 -2.16
C CYS B 203 -29.63 -4.33 -2.16
N GLN B 204 -30.52 -4.68 -1.24
CA GLN B 204 -31.08 -6.05 -1.25
C GLN B 204 -31.97 -6.28 -2.49
N GLN B 205 -32.82 -5.31 -2.81
CA GLN B 205 -33.72 -5.46 -3.98
C GLN B 205 -32.96 -5.72 -5.28
N HIS B 206 -31.85 -4.99 -5.47
CA HIS B 206 -31.10 -5.01 -6.72
C HIS B 206 -29.83 -5.82 -6.66
N ASP B 207 -29.56 -6.47 -5.53
CA ASP B 207 -28.37 -7.29 -5.37
C ASP B 207 -27.11 -6.47 -5.64
N VAL B 208 -26.90 -5.51 -4.77
CA VAL B 208 -25.81 -4.54 -4.89
C VAL B 208 -24.97 -4.60 -3.63
N VAL B 209 -23.66 -4.45 -3.76
CA VAL B 209 -22.77 -4.43 -2.59
C VAL B 209 -22.63 -3.00 -2.09
N CYS B 210 -22.75 -2.83 -0.77
CA CYS B 210 -22.57 -1.53 -0.17
C CYS B 210 -21.17 -1.45 0.38
N ILE B 211 -20.34 -0.64 -0.26
CA ILE B 211 -19.01 -0.30 0.22
C ILE B 211 -19.16 0.86 1.18
N THR B 212 -18.89 0.63 2.47
CA THR B 212 -19.24 1.64 3.48
C THR B 212 -17.98 2.12 4.21
N ASP B 213 -17.75 3.42 4.01
CA ASP B 213 -16.58 4.12 4.47
C ASP B 213 -16.92 4.75 5.81
N GLU B 214 -16.44 4.13 6.89
CA GLU B 214 -16.80 4.54 8.25
C GLU B 214 -15.59 5.08 9.01
N VAL B 215 -14.62 5.65 8.31
CA VAL B 215 -13.41 6.07 8.99
C VAL B 215 -13.67 7.08 10.13
N TYR B 216 -14.76 7.89 10.04
CA TYR B 216 -15.07 8.90 11.09
C TYR B 216 -16.06 8.39 12.17
N GLN B 217 -16.16 7.07 12.27
CA GLN B 217 -17.09 6.40 13.19
C GLN B 217 -17.22 6.96 14.58
N TRP B 218 -16.09 7.32 15.17
CA TRP B 218 -16.07 7.73 16.57
C TRP B 218 -16.34 9.23 16.72
N MET B 219 -16.29 9.95 15.61
CA MET B 219 -16.46 11.40 15.62
C MET B 219 -17.93 11.74 15.38
N VAL B 220 -18.75 11.58 16.41
CA VAL B 220 -20.16 11.88 16.32
C VAL B 220 -20.50 12.77 17.50
N TYR B 221 -21.41 13.70 17.26
CA TYR B 221 -21.69 14.80 18.19
C TYR B 221 -23.16 14.86 18.57
N ASP B 222 -23.43 15.67 19.60
CA ASP B 222 -24.80 16.00 19.96
C ASP B 222 -25.66 14.78 20.24
N GLY B 223 -25.05 13.75 20.83
CA GLY B 223 -25.75 12.51 21.09
C GLY B 223 -26.14 11.67 19.88
N HIS B 224 -25.71 12.05 18.68
CA HIS B 224 -25.99 11.21 17.51
C HIS B 224 -25.19 9.91 17.54
N GLN B 225 -25.85 8.83 17.12
CA GLN B 225 -25.25 7.50 17.10
C GLN B 225 -24.76 7.13 15.70
N HIS B 226 -23.52 6.65 15.63
CA HIS B 226 -23.02 5.97 14.45
C HIS B 226 -23.71 4.62 14.34
N ILE B 227 -24.36 4.39 13.21
CA ILE B 227 -24.97 3.11 12.91
C ILE B 227 -24.28 2.59 11.65
N SER B 228 -23.79 1.35 11.72
CA SER B 228 -23.16 0.67 10.60
C SER B 228 -24.18 -0.09 9.77
N ILE B 229 -24.22 0.13 8.46
CA ILE B 229 -25.25 -0.52 7.65
C ILE B 229 -25.07 -2.03 7.67
N ALA B 230 -23.84 -2.49 7.90
CA ALA B 230 -23.58 -3.93 7.94
C ALA B 230 -24.26 -4.63 9.13
N SER B 231 -24.71 -3.85 10.12
CA SER B 231 -25.42 -4.39 11.27
C SER B 231 -26.91 -4.58 11.04
N LEU B 232 -27.44 -4.00 9.96
CA LEU B 232 -28.85 -4.15 9.61
C LEU B 232 -29.17 -5.54 9.11
N PRO B 233 -30.44 -5.97 9.26
CA PRO B 233 -30.84 -7.31 8.82
C PRO B 233 -30.53 -7.56 7.33
N GLY B 234 -29.84 -8.67 7.09
CA GLY B 234 -29.51 -9.09 5.73
C GLY B 234 -28.37 -8.32 5.06
N MET B 235 -27.71 -7.43 5.78
CA MET B 235 -26.71 -6.58 5.10
C MET B 235 -25.28 -7.07 5.24
N TRP B 236 -24.99 -7.90 6.24
CA TRP B 236 -23.61 -8.39 6.43
C TRP B 236 -23.12 -9.10 5.18
N GLU B 237 -23.98 -9.86 4.51
CA GLU B 237 -23.53 -10.65 3.38
C GLU B 237 -23.34 -9.80 2.11
N ARG B 238 -23.65 -8.51 2.17
CA ARG B 238 -23.45 -7.68 0.99
C ARG B 238 -22.83 -6.34 1.33
N THR B 239 -22.12 -6.27 2.46
CA THR B 239 -21.47 -5.01 2.85
C THR B 239 -19.97 -5.22 3.11
N LEU B 240 -19.19 -4.24 2.67
CA LEU B 240 -17.80 -4.10 3.12
C LEU B 240 -17.69 -2.85 3.98
N THR B 241 -17.08 -2.96 5.16
CA THR B 241 -16.99 -1.88 6.11
C THR B 241 -15.53 -1.51 6.33
N ILE B 242 -15.25 -0.22 6.12
CA ILE B 242 -13.87 0.24 6.08
C ILE B 242 -13.61 1.16 7.25
N GLY B 243 -12.46 0.98 7.90
CA GLY B 243 -12.02 1.88 8.93
C GLY B 243 -10.57 2.30 8.74
N SER B 244 -10.18 3.26 9.56
CA SER B 244 -8.87 3.89 9.53
C SER B 244 -8.31 4.11 10.92
N ALA B 245 -7.11 3.57 11.20
CA ALA B 245 -6.46 3.81 12.49
C ALA B 245 -6.13 5.28 12.63
N GLY B 246 -5.79 5.93 11.53
CA GLY B 246 -5.38 7.33 11.61
C GLY B 246 -6.48 8.23 12.12
N LYS B 247 -7.72 8.02 11.66
CA LYS B 247 -8.85 8.82 12.14
C LYS B 247 -9.32 8.39 13.51
N THR B 248 -9.08 7.13 13.84
CA THR B 248 -9.51 6.59 15.11
C THR B 248 -8.62 7.03 16.26
N PHE B 249 -7.31 7.06 16.03
CA PHE B 249 -6.35 7.39 17.08
C PHE B 249 -5.54 8.68 16.82
N SER B 250 -6.06 9.53 15.93
CA SER B 250 -5.44 10.81 15.63
C SER B 250 -3.98 10.67 15.28
N ALA B 251 -3.73 9.77 14.34
CA ALA B 251 -2.36 9.45 13.92
C ALA B 251 -2.38 9.16 12.44
N THR B 252 -2.67 10.19 11.65
CA THR B 252 -2.98 9.96 10.23
C THR B 252 -1.77 9.42 9.45
N GLY B 253 -0.56 9.68 9.97
CA GLY B 253 0.67 9.25 9.33
C GLY B 253 0.95 7.76 9.54
N TRP B 254 0.14 7.08 10.33
CA TRP B 254 0.36 5.65 10.53
C TRP B 254 -0.12 4.84 9.32
N LYS B 255 -1.13 5.37 8.64
CA LYS B 255 -1.70 4.79 7.42
C LYS B 255 -1.96 3.29 7.55
N VAL B 256 -2.77 2.96 8.56
CA VAL B 256 -3.25 1.60 8.76
C VAL B 256 -4.76 1.64 8.68
N GLY B 257 -5.34 0.75 7.89
CA GLY B 257 -6.78 0.66 7.73
C GLY B 257 -7.20 -0.78 7.70
N TRP B 258 -8.50 -1.02 7.51
CA TRP B 258 -9.01 -2.39 7.45
C TRP B 258 -10.34 -2.42 6.71
N VAL B 259 -10.65 -3.60 6.17
CA VAL B 259 -11.96 -3.91 5.67
C VAL B 259 -12.52 -5.10 6.43
N LEU B 260 -13.80 -5.00 6.74
CA LEU B 260 -14.56 -6.07 7.36
C LEU B 260 -15.65 -6.53 6.45
N GLY B 261 -15.87 -7.83 6.35
CA GLY B 261 -16.95 -8.31 5.53
C GLY B 261 -16.97 -9.80 5.40
N PRO B 262 -17.96 -10.31 4.63
CA PRO B 262 -18.17 -11.75 4.57
C PRO B 262 -17.15 -12.40 3.63
N ASP B 263 -16.84 -13.67 3.87
CA ASP B 263 -15.78 -14.36 3.10
C ASP B 263 -16.00 -14.32 1.59
N HIS B 264 -17.24 -14.46 1.14
CA HIS B 264 -17.49 -14.64 -0.28
C HIS B 264 -17.12 -13.37 -1.04
N ILE B 265 -17.11 -12.23 -0.33
CA ILE B 265 -16.64 -10.99 -0.95
C ILE B 265 -15.18 -10.79 -0.62
N MET B 266 -14.83 -10.98 0.66
CA MET B 266 -13.49 -10.70 1.10
C MET B 266 -12.41 -11.48 0.36
N LYS B 267 -12.71 -12.67 -0.13
CA LYS B 267 -11.69 -13.46 -0.78
C LYS B 267 -11.15 -12.72 -2.01
N HIS B 268 -12.00 -11.92 -2.66
CA HIS B 268 -11.56 -11.17 -3.83
C HIS B 268 -10.70 -9.97 -3.44
N LEU B 269 -10.98 -9.34 -2.30
CA LEU B 269 -10.08 -8.30 -1.80
C LEU B 269 -8.75 -8.95 -1.40
N ARG B 270 -8.76 -10.15 -0.84
CA ARG B 270 -7.51 -10.80 -0.53
C ARG B 270 -6.69 -11.05 -1.81
N THR B 271 -7.36 -11.42 -2.88
CA THR B 271 -6.66 -11.60 -4.14
C THR B 271 -6.00 -10.32 -4.61
N VAL B 272 -6.70 -9.19 -4.53
CA VAL B 272 -6.07 -7.92 -4.90
C VAL B 272 -4.88 -7.63 -3.99
N HIS B 273 -5.06 -7.82 -2.69
CA HIS B 273 -4.03 -7.52 -1.71
C HIS B 273 -2.75 -8.31 -2.00
N GLN B 274 -2.90 -9.59 -2.28
CA GLN B 274 -1.72 -10.42 -2.44
C GLN B 274 -1.01 -10.15 -3.74
N ASN B 275 -1.70 -9.52 -4.71
CA ASN B 275 -1.10 -9.14 -5.97
C ASN B 275 -0.78 -7.65 -6.07
N SER B 276 -0.77 -6.96 -4.93
CA SER B 276 -0.41 -5.52 -4.92
C SER B 276 0.60 -5.22 -3.83
N VAL B 277 0.25 -5.33 -2.54
CA VAL B 277 1.23 -4.97 -1.52
C VAL B 277 1.79 -6.16 -0.76
N PHE B 278 1.02 -7.23 -0.74
CA PHE B 278 1.31 -8.52 -0.06
C PHE B 278 1.34 -8.45 1.48
N HIS B 279 2.16 -7.58 2.06
CA HIS B 279 2.15 -7.36 3.52
C HIS B 279 1.94 -5.91 3.82
N CYS B 280 1.29 -5.64 4.94
CA CYS B 280 1.34 -4.31 5.52
C CYS B 280 2.49 -4.30 6.55
N PRO B 281 3.01 -3.11 6.88
CA PRO B 281 4.08 -3.02 7.90
C PRO B 281 3.69 -3.70 9.19
N THR B 282 4.67 -4.36 9.84
CA THR B 282 4.37 -5.08 11.06
C THR B 282 4.13 -4.20 12.29
N GLN B 283 5.01 -3.22 12.49
CA GLN B 283 5.05 -2.55 13.81
C GLN B 283 3.91 -1.55 14.01
N SER B 284 3.55 -0.79 12.97
CA SER B 284 2.35 0.03 13.09
C SER B 284 1.08 -0.84 13.36
N GLN B 285 0.99 -2.02 12.76
CA GLN B 285 -0.13 -2.91 13.04
C GLN B 285 -0.14 -3.34 14.50
N ALA B 286 1.02 -3.65 15.06
CA ALA B 286 1.10 -3.99 16.50
C ALA B 286 0.65 -2.80 17.37
N ALA B 287 1.08 -1.59 16.98
CA ALA B 287 0.67 -0.38 17.71
C ALA B 287 -0.84 -0.25 17.68
N VAL B 288 -1.45 -0.49 16.51
CA VAL B 288 -2.88 -0.33 16.39
C VAL B 288 -3.60 -1.40 17.22
N ALA B 289 -3.05 -2.60 17.26
CA ALA B 289 -3.71 -3.65 18.02
C ALA B 289 -3.70 -3.28 19.50
N GLU B 290 -2.54 -2.85 20.00
CA GLU B 290 -2.39 -2.44 21.41
C GLU B 290 -3.37 -1.30 21.77
N SER B 291 -3.52 -0.37 20.84
CA SER B 291 -4.37 0.82 21.02
C SER B 291 -5.82 0.39 21.11
N PHE B 292 -6.29 -0.47 20.21
CA PHE B 292 -7.67 -0.98 20.30
C PHE B 292 -7.89 -1.82 21.56
N GLU B 293 -6.91 -2.61 21.96
CA GLU B 293 -7.05 -3.39 23.18
C GLU B 293 -7.28 -2.45 24.37
N ARG B 294 -6.58 -1.33 24.36
CA ARG B 294 -6.71 -0.34 25.45
C ARG B 294 -8.14 0.20 25.45
N GLU B 295 -8.64 0.56 24.27
CA GLU B 295 -9.93 1.19 24.21
C GLU B 295 -11.04 0.18 24.46
N GLN B 296 -10.82 -1.07 24.08
CA GLN B 296 -11.83 -2.10 24.30
C GLN B 296 -12.00 -2.30 25.83
N LEU B 297 -10.90 -2.32 26.57
CA LEU B 297 -10.98 -2.54 28.02
C LEU B 297 -11.63 -1.35 28.74
N LEU B 298 -11.60 -0.15 28.11
CA LEU B 298 -12.27 1.03 28.68
C LEU B 298 -13.57 1.40 27.96
N PHE B 299 -14.10 0.49 27.15
CA PHE B 299 -15.23 0.82 26.30
C PHE B 299 -16.41 1.41 27.10
N ARG B 300 -16.85 2.58 26.66
CA ARG B 300 -18.01 3.31 27.20
C ARG B 300 -17.75 3.95 28.55
N GLN B 301 -16.50 3.88 29.02
CA GLN B 301 -16.13 4.53 30.29
C GLN B 301 -15.64 5.95 30.05
N PRO B 302 -15.72 6.84 31.07
CA PRO B 302 -15.44 8.25 30.87
C PRO B 302 -13.99 8.53 30.48
N SER B 303 -13.08 7.64 30.85
CA SER B 303 -11.67 7.86 30.62
C SER B 303 -11.22 7.34 29.27
N SER B 304 -12.11 6.67 28.54
CA SER B 304 -11.75 6.11 27.23
C SER B 304 -11.57 7.25 26.22
N TYR B 305 -10.63 7.08 25.30
CA TYR B 305 -10.48 8.08 24.23
C TYR B 305 -11.73 8.25 23.37
N PHE B 306 -12.44 7.15 23.09
CA PHE B 306 -13.62 7.22 22.22
C PHE B 306 -14.80 8.00 22.88
N VAL B 307 -14.74 8.19 24.19
CA VAL B 307 -15.67 9.13 24.87
C VAL B 307 -15.07 10.53 24.93
N GLN B 308 -13.84 10.66 25.42
CA GLN B 308 -13.23 11.97 25.64
C GLN B 308 -13.05 12.74 24.35
N PHE B 309 -12.53 12.07 23.33
CA PHE B 309 -12.08 12.82 22.18
C PHE B 309 -13.22 13.50 21.42
N PRO B 310 -14.30 12.77 21.10
CA PRO B 310 -15.41 13.44 20.39
C PRO B 310 -16.05 14.55 21.22
N GLN B 311 -16.03 14.41 22.54
CA GLN B 311 -16.53 15.49 23.40
C GLN B 311 -15.65 16.73 23.31
N ALA B 312 -14.33 16.56 23.28
CA ALA B 312 -13.38 17.65 23.02
C ALA B 312 -13.60 18.28 21.65
N MET B 313 -13.74 17.44 20.63
CA MET B 313 -13.82 18.01 19.29
C MET B 313 -15.17 18.67 19.07
N GLN B 314 -16.18 18.30 19.84
CA GLN B 314 -17.48 18.96 19.74
C GLN B 314 -17.33 20.42 20.20
N ARG B 315 -16.53 20.62 21.23
CA ARG B 315 -16.26 21.96 21.72
C ARG B 315 -15.49 22.76 20.68
N CYS B 316 -14.53 22.11 20.01
CA CYS B 316 -13.83 22.81 18.93
C CYS B 316 -14.81 23.16 17.77
N ARG B 317 -15.67 22.22 17.38
CA ARG B 317 -16.71 22.49 16.39
C ARG B 317 -17.53 23.72 16.77
N ASP B 318 -18.02 23.72 18.00
CA ASP B 318 -18.89 24.81 18.44
C ASP B 318 -18.14 26.16 18.40
N HIS B 319 -16.89 26.15 18.84
CA HIS B 319 -16.02 27.34 18.75
C HIS B 319 -15.94 27.84 17.32
N MET B 320 -15.69 26.92 16.38
CA MET B 320 -15.49 27.33 15.01
C MET B 320 -16.81 27.89 14.44
N ILE B 321 -17.94 27.26 14.80
CA ILE B 321 -19.24 27.70 14.31
C ILE B 321 -19.53 29.13 14.75
N ARG B 322 -19.27 29.41 16.00
CA ARG B 322 -19.45 30.77 16.51
C ARG B 322 -18.51 31.76 15.79
N SER B 323 -17.23 31.39 15.67
CA SER B 323 -16.23 32.28 15.14
C SER B 323 -16.47 32.58 13.65
N LEU B 324 -16.76 31.56 12.84
CA LEU B 324 -16.89 31.81 11.41
C LEU B 324 -18.08 32.71 11.08
N GLN B 325 -19.11 32.66 11.90
CA GLN B 325 -20.26 33.55 11.70
C GLN B 325 -19.93 35.03 11.86
N SER B 326 -18.86 35.34 12.60
CA SER B 326 -18.49 36.74 12.88
C SER B 326 -18.15 37.48 11.59
N VAL B 327 -17.89 36.72 10.53
CA VAL B 327 -17.43 37.29 9.27
C VAL B 327 -18.48 37.08 8.20
N GLY B 328 -19.64 36.51 8.57
CA GLY B 328 -20.73 36.29 7.65
C GLY B 328 -20.68 34.97 6.90
N LEU B 329 -19.75 34.09 7.29
CA LEU B 329 -19.76 32.73 6.74
C LEU B 329 -20.94 32.02 7.44
N LYS B 330 -21.68 31.18 6.73
CA LYS B 330 -22.81 30.49 7.36
C LYS B 330 -22.58 28.97 7.47
N PRO B 331 -22.14 28.50 8.65
CA PRO B 331 -21.91 27.06 8.88
C PRO B 331 -23.17 26.23 8.77
N ILE B 332 -23.01 25.01 8.27
CA ILE B 332 -24.01 23.98 8.32
C ILE B 332 -23.52 23.08 9.43
N ILE B 333 -24.32 22.92 10.48
CA ILE B 333 -23.85 22.22 11.67
C ILE B 333 -23.68 20.72 11.41
N PRO B 334 -22.45 20.20 11.57
CA PRO B 334 -22.25 18.77 11.33
C PRO B 334 -22.54 17.94 12.57
N GLN B 335 -23.02 16.72 12.34
CA GLN B 335 -23.26 15.79 13.41
C GLN B 335 -22.08 14.85 13.61
N GLY B 336 -21.11 14.91 12.70
CA GLY B 336 -19.95 14.03 12.86
C GLY B 336 -18.83 14.44 11.93
N SER B 337 -17.72 13.67 11.97
CA SER B 337 -16.49 13.91 11.16
C SER B 337 -15.60 15.02 11.71
N TYR B 338 -14.47 15.23 11.05
CA TYR B 338 -13.52 16.31 11.34
C TYR B 338 -13.99 17.68 10.87
N PHE B 339 -15.06 17.72 10.05
CA PHE B 339 -15.30 18.87 9.18
C PHE B 339 -16.66 19.53 9.33
N LEU B 340 -16.69 20.80 8.97
CA LEU B 340 -17.98 21.42 8.67
C LEU B 340 -17.81 22.21 7.41
N ILE B 341 -18.93 22.51 6.76
CA ILE B 341 -18.89 23.38 5.59
C ILE B 341 -19.64 24.68 5.89
N THR B 342 -19.20 25.77 5.26
CA THR B 342 -19.90 27.05 5.34
C THR B 342 -20.39 27.43 3.96
N ASP B 343 -21.63 27.90 3.93
CA ASP B 343 -22.22 28.49 2.74
C ASP B 343 -21.58 29.86 2.55
N ILE B 344 -21.12 30.12 1.33
CA ILE B 344 -20.53 31.42 0.98
C ILE B 344 -21.37 32.16 -0.07
N SER B 345 -22.64 31.78 -0.19
CA SER B 345 -23.56 32.38 -1.16
C SER B 345 -23.69 33.91 -1.01
N ASP B 346 -23.63 34.45 0.20
CA ASP B 346 -23.68 35.90 0.34
C ASP B 346 -22.46 36.58 -0.28
N PHE B 347 -21.30 35.96 -0.14
CA PHE B 347 -20.07 36.50 -0.71
C PHE B 347 -20.12 36.40 -2.24
N LYS B 348 -20.66 35.31 -2.78
CA LYS B 348 -20.75 35.15 -4.21
C LYS B 348 -21.66 36.24 -4.81
N ARG B 349 -22.74 36.54 -4.11
CA ARG B 349 -23.68 37.59 -4.50
C ARG B 349 -23.01 38.97 -4.50
N LYS B 350 -22.34 39.32 -3.41
CA LYS B 350 -21.76 40.66 -3.27
C LYS B 350 -20.39 40.81 -3.91
N MET B 351 -19.71 39.69 -4.15
CA MET B 351 -18.34 39.70 -4.67
C MET B 351 -18.18 38.64 -5.77
N PRO B 352 -18.99 38.72 -6.82
CA PRO B 352 -19.00 37.63 -7.80
C PRO B 352 -17.76 37.54 -8.69
N ASP B 353 -16.99 38.62 -8.84
CA ASP B 353 -16.04 38.71 -9.94
C ASP B 353 -14.60 38.52 -9.52
N LEU B 354 -14.35 37.53 -8.67
CA LEU B 354 -12.99 37.14 -8.33
C LEU B 354 -12.25 36.58 -9.54
N PRO B 355 -10.92 36.79 -9.56
CA PRO B 355 -10.13 36.22 -10.65
C PRO B 355 -10.14 34.71 -10.64
N GLY B 356 -10.12 34.12 -11.83
CA GLY B 356 -10.02 32.69 -11.97
C GLY B 356 -10.12 32.31 -13.43
N ALA B 357 -9.89 31.04 -13.72
CA ALA B 357 -10.03 30.54 -15.08
C ALA B 357 -11.50 30.54 -15.51
N VAL B 358 -11.75 30.38 -16.80
CA VAL B 358 -13.13 30.24 -17.26
C VAL B 358 -13.64 28.89 -16.74
N ASP B 359 -14.89 28.85 -16.31
CA ASP B 359 -15.50 27.64 -15.76
C ASP B 359 -14.82 27.19 -14.46
N GLU B 360 -14.10 28.09 -13.79
CA GLU B 360 -13.59 27.79 -12.46
C GLU B 360 -14.67 28.08 -11.41
N PRO B 361 -15.10 27.07 -10.63
CA PRO B 361 -16.18 27.31 -9.68
C PRO B 361 -15.83 28.41 -8.67
N TYR B 362 -16.84 29.16 -8.24
CA TYR B 362 -16.61 30.31 -7.39
C TYR B 362 -15.88 29.93 -6.09
N ASP B 363 -16.24 28.80 -5.50
CA ASP B 363 -15.62 28.44 -4.24
C ASP B 363 -14.08 28.26 -4.34
N ARG B 364 -13.55 27.76 -5.47
CA ARG B 364 -12.11 27.68 -5.64
C ARG B 364 -11.45 29.04 -5.70
N ARG B 365 -12.10 29.95 -6.40
CA ARG B 365 -11.67 31.34 -6.48
C ARG B 365 -11.71 31.98 -5.08
N PHE B 366 -12.81 31.74 -4.37
CA PHE B 366 -13.00 32.31 -3.04
C PHE B 366 -11.91 31.82 -2.08
N VAL B 367 -11.63 30.51 -2.10
CA VAL B 367 -10.57 29.99 -1.24
C VAL B 367 -9.22 30.63 -1.53
N LYS B 368 -8.90 30.81 -2.80
CA LYS B 368 -7.62 31.43 -3.14
C LYS B 368 -7.55 32.85 -2.57
N TRP B 369 -8.64 33.60 -2.71
CA TRP B 369 -8.74 34.96 -2.20
C TRP B 369 -8.61 34.95 -0.69
N MET B 370 -9.30 34.01 -0.04
CA MET B 370 -9.30 33.97 1.42
C MET B 370 -7.92 33.63 1.99
N ILE B 371 -7.20 32.68 1.38
CA ILE B 371 -5.87 32.33 1.84
C ILE B 371 -4.96 33.53 1.73
N LYS B 372 -4.95 34.18 0.56
CA LYS B 372 -4.01 35.26 0.31
C LYS B 372 -4.30 36.52 1.14
N ASN B 373 -5.58 36.83 1.34
CA ASN B 373 -5.97 38.13 1.90
C ASN B 373 -6.46 38.07 3.33
N LYS B 374 -6.97 36.92 3.76
CA LYS B 374 -7.48 36.77 5.12
C LYS B 374 -6.63 35.81 5.96
N GLY B 375 -5.77 35.01 5.33
CA GLY B 375 -4.85 34.17 6.07
C GLY B 375 -5.49 32.91 6.62
N LEU B 376 -6.61 32.50 6.01
CA LEU B 376 -7.33 31.28 6.40
C LEU B 376 -7.41 30.28 5.23
N VAL B 377 -7.10 29.01 5.51
CA VAL B 377 -7.22 27.94 4.53
C VAL B 377 -8.48 27.10 4.76
N ALA B 378 -9.30 26.98 3.72
CA ALA B 378 -10.42 26.02 3.67
C ALA B 378 -10.29 25.26 2.35
N ILE B 379 -11.13 24.26 2.15
CA ILE B 379 -11.11 23.47 0.91
C ILE B 379 -12.39 23.73 0.14
N PRO B 380 -12.27 24.10 -1.14
CA PRO B 380 -13.51 24.31 -1.89
C PRO B 380 -14.31 23.00 -2.04
N VAL B 381 -15.59 23.08 -1.79
CA VAL B 381 -16.40 21.87 -1.72
C VAL B 381 -16.76 21.33 -3.10
N SER B 382 -16.47 22.09 -4.14
CA SER B 382 -16.77 21.64 -5.48
C SER B 382 -15.86 20.46 -5.87
N ILE B 383 -14.76 20.25 -5.14
CA ILE B 383 -13.91 19.10 -5.50
C ILE B 383 -14.59 17.78 -5.11
N PHE B 384 -15.65 17.87 -4.33
CA PHE B 384 -16.39 16.70 -3.86
C PHE B 384 -17.66 16.52 -4.66
N TYR B 385 -17.70 17.12 -5.86
CA TYR B 385 -18.82 16.94 -6.79
C TYR B 385 -18.37 16.47 -8.15
N SER B 386 -19.22 15.70 -8.81
CA SER B 386 -18.99 15.44 -10.24
C SER B 386 -18.88 16.76 -11.01
N VAL B 387 -18.15 16.73 -12.11
CA VAL B 387 -17.78 17.98 -12.78
C VAL B 387 -19.04 18.71 -13.27
N PRO B 388 -20.02 17.96 -13.81
CA PRO B 388 -21.22 18.69 -14.27
C PRO B 388 -22.01 19.40 -13.15
N HIS B 389 -21.88 18.92 -11.92
CA HIS B 389 -22.60 19.54 -10.81
C HIS B 389 -21.79 20.62 -10.11
N GLN B 390 -20.53 20.79 -10.49
CA GLN B 390 -19.67 21.73 -9.77
C GLN B 390 -20.19 23.17 -9.93
N LYS B 391 -20.77 23.47 -11.08
CA LYS B 391 -21.29 24.82 -11.33
C LYS B 391 -22.49 25.12 -10.47
N HIS B 392 -23.22 24.08 -10.05
CA HIS B 392 -24.40 24.30 -9.22
C HIS B 392 -24.09 24.23 -7.71
N PHE B 393 -23.04 23.51 -7.35
CA PHE B 393 -22.65 23.40 -5.97
C PHE B 393 -21.29 24.07 -5.81
N ASP B 394 -21.27 25.38 -6.06
CA ASP B 394 -20.05 26.17 -6.12
C ASP B 394 -19.89 27.15 -4.99
N HIS B 395 -20.76 27.07 -3.97
CA HIS B 395 -20.82 28.09 -2.94
C HIS B 395 -20.71 27.53 -1.53
N TYR B 396 -19.89 26.50 -1.38
CA TYR B 396 -19.52 25.96 -0.08
C TYR B 396 -18.02 25.76 0.06
N ILE B 397 -17.52 25.94 1.27
CA ILE B 397 -16.13 25.59 1.55
C ILE B 397 -16.06 24.79 2.85
N ARG B 398 -15.07 23.91 2.92
CA ARG B 398 -14.88 22.97 4.04
C ARG B 398 -13.78 23.39 4.99
N PHE B 399 -14.13 23.42 6.27
CA PHE B 399 -13.19 23.69 7.35
C PHE B 399 -13.01 22.46 8.23
N CYS B 400 -11.82 22.34 8.80
CA CYS B 400 -11.48 21.28 9.75
C CYS B 400 -11.29 21.89 11.13
N PHE B 401 -12.03 21.40 12.11
CA PHE B 401 -11.98 21.98 13.46
C PHE B 401 -11.21 21.07 14.43
N VAL B 402 -10.62 20.00 13.94
CA VAL B 402 -9.86 19.07 14.76
C VAL B 402 -8.46 19.63 14.83
N LYS B 403 -8.31 20.61 15.72
CA LYS B 403 -7.16 21.49 15.77
C LYS B 403 -6.83 21.85 17.21
N ASP B 404 -5.57 22.20 17.40
CA ASP B 404 -5.09 22.61 18.70
C ASP B 404 -5.72 23.92 19.12
N GLU B 405 -5.83 24.15 20.42
CA GLU B 405 -6.41 25.42 20.91
C GLU B 405 -5.67 26.64 20.39
N ALA B 406 -4.35 26.51 20.29
CA ALA B 406 -3.52 27.59 19.79
C ALA B 406 -3.90 27.94 18.35
N THR B 407 -4.22 26.93 17.56
CA THR B 407 -4.59 27.15 16.16
C THR B 407 -5.93 27.86 16.08
N LEU B 408 -6.86 27.43 16.91
CA LEU B 408 -8.18 28.05 16.86
C LEU B 408 -8.07 29.51 17.36
N GLN B 409 -7.16 29.77 18.28
CA GLN B 409 -6.90 31.15 18.73
C GLN B 409 -6.33 31.95 17.56
N ALA B 410 -5.43 31.33 16.78
CA ALA B 410 -4.83 32.02 15.63
C ALA B 410 -5.93 32.29 14.58
N MET B 411 -6.89 31.36 14.45
CA MET B 411 -8.03 31.53 13.56
C MET B 411 -8.80 32.76 13.97
N ASP B 412 -9.06 32.91 15.27
CA ASP B 412 -9.83 34.05 15.76
C ASP B 412 -9.13 35.40 15.53
N GLU B 413 -7.80 35.44 15.64
CA GLU B 413 -7.01 36.62 15.29
C GLU B 413 -7.28 37.02 13.83
N LYS B 414 -7.16 36.06 12.90
CA LYS B 414 -7.46 36.36 11.49
C LYS B 414 -8.90 36.84 11.29
N LEU B 415 -9.85 36.22 11.95
CA LEU B 415 -11.26 36.54 11.74
C LEU B 415 -11.56 37.93 12.27
N ARG B 416 -10.94 38.31 13.39
CA ARG B 416 -11.19 39.66 13.94
C ARG B 416 -10.69 40.73 12.99
N LYS B 417 -9.60 40.45 12.27
CA LYS B 417 -9.05 41.39 11.30
C LYS B 417 -9.92 41.47 10.03
N TRP B 418 -10.49 40.34 9.64
CA TRP B 418 -11.44 40.31 8.52
C TRP B 418 -12.67 41.15 8.78
N LYS B 419 -13.28 40.94 9.94
CA LYS B 419 -14.53 41.59 10.31
C LYS B 419 -14.46 43.12 10.21
N VAL B 420 -13.39 43.71 10.72
CA VAL B 420 -13.24 45.16 10.67
C VAL B 420 -13.09 45.63 9.22
N GLU B 421 -12.49 44.78 8.39
CA GLU B 421 -12.40 45.05 6.96
C GLU B 421 -13.77 44.85 6.32
N LEU B 422 -14.50 43.85 6.80
CA LEU B 422 -15.82 43.53 6.28
C LEU B 422 -16.88 44.46 6.87
#